data_2JQE
#
_entry.id   2JQE
#
_entity_poly.entity_id   1
_entity_poly.type   'polypeptide(L)'
_entity_poly.pdbx_seq_one_letter_code
;GSGTMEKGTFTLKDIYKQIEAMNKMGPVRKIFEMLPFGLGLKVDNDVMEMTQEKMKKFRVIMDSMTEEELLNPKIIDSSR
IRRIAIGSGTSPQEVKELLNYYKTMKNLMKKMKKNKLPI
;
_entity_poly.pdbx_strand_id   A
#
# COMPACT_ATOMS: atom_id res chain seq x y z
N MET A 5 -22.72 -5.52 -4.43
CA MET A 5 -22.85 -6.02 -5.82
C MET A 5 -21.48 -6.20 -6.46
N GLU A 6 -21.43 -6.55 -7.73
CA GLU A 6 -20.12 -6.73 -8.40
C GLU A 6 -19.29 -5.45 -8.33
N LYS A 7 -19.94 -4.31 -8.38
CA LYS A 7 -19.19 -3.02 -8.32
C LYS A 7 -19.16 -2.49 -6.89
N GLY A 8 -18.05 -1.98 -6.45
CA GLY A 8 -17.96 -1.44 -5.06
C GLY A 8 -17.42 -0.01 -5.12
N THR A 9 -18.04 0.83 -5.92
CA THR A 9 -17.59 2.26 -6.07
C THR A 9 -16.06 2.37 -6.06
N PHE A 10 -15.48 2.48 -7.21
CA PHE A 10 -13.98 2.58 -7.30
C PHE A 10 -13.34 1.54 -6.38
N THR A 11 -13.29 0.32 -6.80
CA THR A 11 -12.68 -0.75 -5.96
C THR A 11 -11.29 -0.34 -5.50
N LEU A 12 -10.62 -1.17 -4.75
CA LEU A 12 -9.28 -0.78 -4.26
C LEU A 12 -8.21 -1.14 -5.28
N LYS A 13 -8.53 -1.93 -6.28
CA LYS A 13 -7.52 -2.25 -7.32
C LYS A 13 -7.11 -0.94 -8.04
N ASP A 14 -7.96 0.05 -7.96
CA ASP A 14 -7.65 1.39 -8.57
C ASP A 14 -6.71 2.17 -7.64
N ILE A 15 -6.59 1.74 -6.41
CA ILE A 15 -5.72 2.45 -5.43
C ILE A 15 -4.26 1.98 -5.51
N TYR A 16 -4.05 0.69 -5.66
CA TYR A 16 -2.65 0.16 -5.72
C TYR A 16 -1.89 0.72 -6.93
N LYS A 17 -2.54 0.84 -8.06
CA LYS A 17 -1.84 1.34 -9.27
C LYS A 17 -1.27 2.75 -9.04
N GLN A 18 -1.96 3.55 -8.27
CA GLN A 18 -1.46 4.94 -8.01
C GLN A 18 -0.09 4.92 -7.33
N ILE A 19 0.24 3.85 -6.64
CA ILE A 19 1.56 3.79 -5.97
C ILE A 19 2.66 3.39 -6.97
N GLU A 20 2.29 2.84 -8.09
CA GLU A 20 3.31 2.44 -9.10
C GLU A 20 4.27 3.59 -9.39
N ALA A 21 3.86 4.80 -9.15
CA ALA A 21 4.74 5.99 -9.44
C ALA A 21 6.17 5.75 -8.93
N MET A 22 6.33 5.08 -7.83
CA MET A 22 7.71 4.85 -7.32
C MET A 22 8.07 3.35 -7.37
N ASN A 23 9.29 3.06 -7.75
CA ASN A 23 9.72 1.63 -7.82
C ASN A 23 11.21 1.56 -8.18
N LYS A 24 11.65 2.37 -9.10
CA LYS A 24 13.09 2.35 -9.49
C LYS A 24 13.51 0.95 -9.91
N MET A 25 12.68 0.25 -10.65
CA MET A 25 13.06 -1.12 -11.09
C MET A 25 13.66 -1.08 -12.49
N GLY A 26 14.92 -1.43 -12.62
CA GLY A 26 15.57 -1.42 -13.96
C GLY A 26 17.08 -1.47 -13.80
N PRO A 27 17.57 -2.57 -13.27
CA PRO A 27 19.03 -2.73 -13.07
C PRO A 27 19.70 -3.08 -14.40
N VAL A 28 19.86 -2.12 -15.27
CA VAL A 28 20.50 -2.43 -16.59
C VAL A 28 22.01 -2.61 -16.42
N ARG A 29 22.76 -1.55 -16.32
CA ARG A 29 24.24 -1.68 -16.16
C ARG A 29 24.78 -0.60 -15.22
N LYS A 30 25.80 -0.93 -14.46
CA LYS A 30 26.39 0.08 -13.53
C LYS A 30 25.32 0.65 -12.60
N ILE A 31 24.72 -0.17 -11.78
CA ILE A 31 23.67 0.32 -10.86
C ILE A 31 24.18 1.52 -10.05
N PHE A 32 25.38 1.43 -9.54
CA PHE A 32 25.93 2.56 -8.74
C PHE A 32 27.24 3.06 -9.36
N GLU A 33 27.60 4.29 -9.10
CA GLU A 33 28.87 4.83 -9.68
C GLU A 33 29.92 4.99 -8.57
N MET A 34 30.70 3.98 -8.31
CA MET A 34 31.74 4.06 -7.24
C MET A 34 31.09 4.36 -5.89
N LEU A 35 31.70 3.95 -4.81
CA LEU A 35 31.11 4.23 -3.47
C LEU A 35 32.20 4.29 -2.40
N PRO A 36 31.97 5.12 -1.40
CA PRO A 36 32.95 5.27 -0.31
C PRO A 36 32.96 4.00 0.56
N PHE A 37 34.13 3.54 0.94
CA PHE A 37 34.20 2.32 1.79
C PHE A 37 33.92 2.66 3.26
N GLY A 38 33.85 3.91 3.60
CA GLY A 38 33.58 4.28 5.02
C GLY A 38 32.12 4.70 5.18
N LEU A 39 31.21 3.78 5.04
CA LEU A 39 29.76 4.13 5.20
C LEU A 39 29.45 4.40 6.68
N GLY A 40 28.50 5.25 6.95
CA GLY A 40 28.16 5.54 8.37
C GLY A 40 26.73 5.08 8.68
N LEU A 41 25.91 5.98 9.16
CA LEU A 41 24.50 5.61 9.50
C LEU A 41 23.58 5.79 8.29
N LYS A 42 24.14 5.87 7.11
CA LYS A 42 23.29 6.07 5.90
C LYS A 42 22.17 5.02 5.83
N VAL A 43 22.48 3.76 6.01
CA VAL A 43 21.43 2.69 5.95
C VAL A 43 21.96 1.41 6.62
N ASP A 44 23.13 0.98 6.21
CA ASP A 44 23.74 -0.25 6.77
C ASP A 44 22.81 -1.46 6.56
N ASN A 45 22.12 -1.50 5.45
CA ASN A 45 21.20 -2.64 5.19
C ASN A 45 21.91 -3.97 5.45
N ASP A 46 21.25 -4.91 6.08
CA ASP A 46 21.92 -6.21 6.38
C ASP A 46 21.04 -7.39 5.94
N VAL A 47 21.47 -8.59 6.23
CA VAL A 47 20.69 -9.80 5.83
C VAL A 47 19.25 -9.73 6.38
N MET A 48 19.07 -9.12 7.52
CA MET A 48 17.69 -9.05 8.10
C MET A 48 16.84 -8.06 7.30
N GLU A 49 15.69 -8.48 6.85
CA GLU A 49 14.82 -7.58 6.06
C GLU A 49 14.43 -6.34 6.88
N MET A 50 14.32 -5.21 6.24
CA MET A 50 13.94 -3.96 6.97
C MET A 50 12.78 -3.27 6.24
N THR A 51 12.05 -2.44 6.92
CA THR A 51 10.92 -1.73 6.25
C THR A 51 11.11 -0.21 6.31
N GLN A 52 10.43 0.51 5.47
CA GLN A 52 10.56 2.00 5.48
C GLN A 52 9.40 2.65 4.72
N GLU A 53 9.46 2.64 3.42
CA GLU A 53 8.35 3.27 2.63
C GLU A 53 7.17 2.31 2.53
N LYS A 54 6.05 2.68 3.10
CA LYS A 54 4.85 1.81 3.04
C LYS A 54 4.39 1.62 1.58
N MET A 55 4.56 2.63 0.78
CA MET A 55 4.11 2.53 -0.65
C MET A 55 4.95 1.49 -1.40
N LYS A 56 6.17 1.31 -1.01
CA LYS A 56 7.04 0.30 -1.71
C LYS A 56 6.43 -1.10 -1.60
N LYS A 57 5.99 -1.49 -0.45
CA LYS A 57 5.37 -2.84 -0.28
C LYS A 57 3.89 -2.81 -0.66
N PHE A 58 3.37 -1.65 -0.98
CA PHE A 58 1.94 -1.55 -1.37
C PHE A 58 1.73 -2.22 -2.73
N ARG A 59 2.49 -1.80 -3.71
CA ARG A 59 2.37 -2.39 -5.08
C ARG A 59 2.67 -3.89 -5.09
N VAL A 60 3.60 -4.34 -4.29
CA VAL A 60 3.93 -5.79 -4.33
C VAL A 60 2.68 -6.64 -4.09
N ILE A 61 1.93 -6.35 -3.07
CA ILE A 61 0.70 -7.13 -2.79
C ILE A 61 -0.36 -6.91 -3.88
N MET A 62 -0.20 -5.87 -4.66
CA MET A 62 -1.19 -5.59 -5.74
C MET A 62 -1.20 -6.74 -6.76
N ASP A 63 -0.06 -7.28 -7.08
CA ASP A 63 -0.06 -8.41 -8.05
C ASP A 63 -0.26 -9.73 -7.30
N SER A 64 -0.12 -9.71 -6.00
CA SER A 64 -0.35 -10.95 -5.21
C SER A 64 -1.86 -11.19 -5.16
N MET A 65 -2.55 -10.60 -4.20
CA MET A 65 -4.03 -10.78 -4.04
C MET A 65 -4.75 -11.00 -5.38
N THR A 66 -5.92 -11.55 -5.30
CA THR A 66 -6.71 -11.81 -6.53
C THR A 66 -7.61 -10.62 -6.83
N GLU A 67 -7.62 -10.17 -8.05
CA GLU A 67 -8.50 -9.02 -8.42
C GLU A 67 -9.92 -9.29 -7.90
N GLU A 68 -10.39 -10.50 -8.08
CA GLU A 68 -11.75 -10.87 -7.62
C GLU A 68 -11.89 -10.53 -6.13
N GLU A 69 -10.81 -10.75 -5.42
CA GLU A 69 -10.78 -10.44 -3.97
C GLU A 69 -10.88 -8.92 -3.77
N LEU A 70 -10.16 -8.17 -4.55
CA LEU A 70 -10.22 -6.67 -4.40
C LEU A 70 -11.65 -6.17 -4.61
N LEU A 71 -12.34 -6.72 -5.56
CA LEU A 71 -13.73 -6.28 -5.82
C LEU A 71 -14.61 -6.53 -4.58
N ASN A 72 -14.36 -7.59 -3.87
CA ASN A 72 -15.18 -7.88 -2.66
C ASN A 72 -14.27 -7.97 -1.42
N PRO A 73 -14.04 -6.84 -0.80
CA PRO A 73 -13.19 -6.79 0.41
C PRO A 73 -13.86 -7.52 1.57
N LYS A 74 -15.16 -7.44 1.67
CA LYS A 74 -15.88 -8.13 2.79
C LYS A 74 -15.50 -9.61 2.81
N ILE A 75 -15.04 -10.13 1.70
CA ILE A 75 -14.66 -11.58 1.65
C ILE A 75 -13.27 -11.82 2.28
N ILE A 76 -12.86 -11.03 3.23
CA ILE A 76 -11.51 -11.23 3.84
C ILE A 76 -11.31 -12.69 4.23
N ASP A 77 -10.60 -13.43 3.43
CA ASP A 77 -10.33 -14.86 3.75
C ASP A 77 -9.02 -14.95 4.54
N SER A 78 -9.08 -15.18 5.83
CA SER A 78 -7.81 -15.23 6.61
C SER A 78 -6.84 -16.27 6.04
N SER A 79 -7.33 -17.36 5.51
CA SER A 79 -6.42 -18.39 4.94
C SER A 79 -5.82 -17.92 3.61
N ARG A 80 -6.65 -17.39 2.75
CA ARG A 80 -6.15 -16.91 1.41
C ARG A 80 -5.09 -15.82 1.59
N ILE A 81 -5.35 -14.85 2.41
CA ILE A 81 -4.35 -13.76 2.61
C ILE A 81 -3.08 -14.31 3.26
N ARG A 82 -3.21 -15.33 4.07
CA ARG A 82 -2.00 -15.92 4.71
C ARG A 82 -0.98 -16.28 3.63
N ARG A 83 -1.36 -17.18 2.76
CA ARG A 83 -0.44 -17.58 1.66
C ARG A 83 -0.05 -16.35 0.85
N ILE A 84 -0.99 -15.48 0.60
CA ILE A 84 -0.70 -14.26 -0.21
C ILE A 84 0.39 -13.41 0.47
N ALA A 85 0.27 -13.16 1.75
CA ALA A 85 1.32 -12.34 2.43
C ALA A 85 2.69 -12.94 2.16
N ILE A 86 2.77 -14.24 2.20
CA ILE A 86 4.08 -14.89 1.91
C ILE A 86 4.53 -14.53 0.51
N GLY A 87 3.63 -14.53 -0.44
CA GLY A 87 4.02 -14.16 -1.82
C GLY A 87 4.52 -12.72 -1.84
N SER A 88 3.88 -11.86 -1.10
CA SER A 88 4.33 -10.44 -1.06
C SER A 88 5.53 -10.30 -0.13
N GLY A 89 5.65 -11.19 0.82
CA GLY A 89 6.80 -11.12 1.77
C GLY A 89 6.40 -10.37 3.04
N THR A 90 5.24 -9.77 3.07
CA THR A 90 4.82 -9.02 4.30
C THR A 90 4.05 -9.95 5.26
N SER A 91 2.78 -9.70 5.49
CA SER A 91 2.00 -10.55 6.41
C SER A 91 0.55 -10.09 6.42
N PRO A 92 -0.30 -10.90 6.98
CA PRO A 92 -1.73 -10.55 7.06
C PRO A 92 -1.94 -9.28 7.88
N GLN A 93 -1.20 -9.11 8.94
CA GLN A 93 -1.35 -7.89 9.77
C GLN A 93 -1.21 -6.62 8.92
N GLU A 94 -0.26 -6.60 8.03
CA GLU A 94 -0.07 -5.39 7.18
C GLU A 94 -1.25 -5.22 6.21
N VAL A 95 -1.90 -6.30 5.87
CA VAL A 95 -3.08 -6.16 4.97
C VAL A 95 -4.29 -5.79 5.84
N LYS A 96 -4.33 -6.24 7.06
CA LYS A 96 -5.48 -5.87 7.93
C LYS A 96 -5.50 -4.35 8.11
N GLU A 97 -4.35 -3.75 8.34
CA GLU A 97 -4.34 -2.26 8.48
C GLU A 97 -4.76 -1.67 7.14
N LEU A 98 -4.26 -2.20 6.06
CA LEU A 98 -4.65 -1.65 4.73
C LEU A 98 -6.17 -1.56 4.63
N LEU A 99 -6.88 -2.58 5.06
CA LEU A 99 -8.36 -2.47 4.99
C LEU A 99 -8.75 -1.42 6.02
N ASN A 100 -8.09 -1.48 7.15
CA ASN A 100 -8.34 -0.51 8.24
C ASN A 100 -8.18 0.89 7.66
N TYR A 101 -7.44 1.05 6.60
CA TYR A 101 -7.31 2.42 6.02
C TYR A 101 -8.71 2.88 5.63
N TYR A 102 -9.43 2.09 4.88
CA TYR A 102 -10.84 2.49 4.57
C TYR A 102 -11.62 2.71 5.88
N LYS A 103 -11.20 2.17 7.00
CA LYS A 103 -11.90 2.56 8.29
C LYS A 103 -11.87 4.09 8.34
N THR A 104 -10.66 4.62 8.18
CA THR A 104 -10.49 6.11 8.16
C THR A 104 -11.56 6.71 7.24
N MET A 105 -11.85 6.05 6.16
CA MET A 105 -12.91 6.57 5.24
C MET A 105 -14.18 6.83 6.05
N LYS A 106 -14.49 5.98 7.01
CA LYS A 106 -15.70 6.26 7.84
C LYS A 106 -15.56 7.67 8.41
N ASN A 107 -14.34 8.08 8.70
CA ASN A 107 -14.12 9.47 9.22
C ASN A 107 -14.79 10.43 8.23
N LEU A 108 -14.82 10.06 6.98
CA LEU A 108 -15.52 10.91 5.96
C LEU A 108 -16.89 11.28 6.51
N MET A 109 -17.48 10.34 7.21
CA MET A 109 -18.82 10.59 7.83
C MET A 109 -18.79 11.89 8.63
N LYS A 110 -17.65 12.32 9.10
CA LYS A 110 -17.60 13.63 9.81
C LYS A 110 -18.13 14.70 8.84
N LYS A 111 -17.90 14.48 7.57
CA LYS A 111 -18.39 15.44 6.54
C LYS A 111 -19.65 14.90 5.86
N MET A 112 -19.69 13.59 5.65
CA MET A 112 -20.87 12.90 5.02
C MET A 112 -21.79 13.87 4.24
N LYS A 113 -21.30 14.47 3.20
CA LYS A 113 -22.15 15.43 2.43
C LYS A 113 -23.49 14.79 2.07
N LYS A 114 -23.48 13.73 1.31
CA LYS A 114 -24.75 13.03 0.94
C LYS A 114 -25.85 14.06 0.56
N ASN A 115 -27.01 13.97 1.14
CA ASN A 115 -28.10 14.94 0.81
C ASN A 115 -28.91 15.25 2.07
N LYS A 116 -29.24 14.25 2.83
CA LYS A 116 -30.01 14.45 4.09
C LYS A 116 -31.33 15.18 3.81
N LEU A 117 -31.94 14.92 2.68
CA LEU A 117 -33.23 15.60 2.37
C LEU A 117 -33.98 14.84 1.26
N PRO A 118 -34.63 13.77 1.65
CA PRO A 118 -35.39 12.96 0.67
C PRO A 118 -36.63 13.73 0.19
N ILE A 119 -37.18 14.57 1.02
CA ILE A 119 -38.38 15.34 0.61
C ILE A 119 -38.31 16.76 1.20
N MET A 5 -25.59 6.58 -4.96
CA MET A 5 -24.71 5.55 -4.35
C MET A 5 -24.26 4.54 -5.40
N GLU A 6 -23.24 4.86 -6.16
CA GLU A 6 -22.75 3.91 -7.19
C GLU A 6 -22.31 2.59 -6.53
N LYS A 7 -21.71 2.69 -5.38
CA LYS A 7 -21.25 1.46 -4.65
C LYS A 7 -20.40 0.57 -5.57
N GLY A 8 -19.11 0.60 -5.39
CA GLY A 8 -18.24 -0.24 -6.24
C GLY A 8 -17.44 0.64 -7.20
N THR A 9 -17.86 0.73 -8.43
CA THR A 9 -17.14 1.57 -9.44
C THR A 9 -15.61 1.36 -9.34
N PHE A 10 -14.86 2.32 -8.87
CA PHE A 10 -13.39 2.13 -8.75
C PHE A 10 -13.04 1.21 -7.57
N THR A 11 -13.97 1.03 -6.67
CA THR A 11 -13.72 0.16 -5.47
C THR A 11 -12.33 0.44 -4.87
N LEU A 12 -11.34 -0.34 -5.20
CA LEU A 12 -9.99 -0.08 -4.61
C LEU A 12 -8.86 -0.33 -5.62
N LYS A 13 -9.14 -0.94 -6.75
CA LYS A 13 -8.04 -1.20 -7.74
C LYS A 13 -7.47 0.14 -8.24
N ASP A 14 -8.17 1.22 -8.01
CA ASP A 14 -7.66 2.56 -8.42
C ASP A 14 -6.52 3.00 -7.48
N ILE A 15 -6.39 2.33 -6.36
CA ILE A 15 -5.30 2.67 -5.40
C ILE A 15 -3.95 2.16 -5.94
N TYR A 16 -3.95 1.03 -6.59
CA TYR A 16 -2.67 0.47 -7.12
C TYR A 16 -2.01 1.45 -8.09
N LYS A 17 -2.74 1.97 -9.03
CA LYS A 17 -2.14 2.93 -10.00
C LYS A 17 -1.64 4.16 -9.24
N GLN A 18 -2.38 4.60 -8.26
CA GLN A 18 -1.96 5.80 -7.48
C GLN A 18 -0.64 5.54 -6.76
N ILE A 19 -0.49 4.39 -6.16
CA ILE A 19 0.79 4.09 -5.45
C ILE A 19 1.83 3.54 -6.43
N GLU A 20 1.40 3.08 -7.58
CA GLU A 20 2.37 2.53 -8.58
C GLU A 20 3.51 3.51 -8.83
N ALA A 21 3.24 4.79 -8.76
CA ALA A 21 4.31 5.80 -9.04
C ALA A 21 5.55 5.54 -8.16
N MET A 22 5.40 5.56 -6.87
CA MET A 22 6.58 5.32 -5.97
C MET A 22 7.70 6.30 -6.33
N ASN A 23 8.75 6.35 -5.54
CA ASN A 23 9.87 7.28 -5.84
C ASN A 23 10.99 6.52 -6.57
N LYS A 24 11.62 5.60 -5.90
CA LYS A 24 12.71 4.81 -6.55
C LYS A 24 13.73 5.73 -7.21
N MET A 25 14.83 5.99 -6.56
CA MET A 25 15.86 6.88 -7.15
C MET A 25 16.95 6.04 -7.83
N GLY A 26 17.43 6.48 -8.97
CA GLY A 26 18.49 5.71 -9.67
C GLY A 26 18.38 5.96 -11.18
N PRO A 27 19.51 6.17 -11.82
CA PRO A 27 19.51 6.43 -13.27
C PRO A 27 19.28 5.12 -14.05
N VAL A 28 20.33 4.38 -14.31
CA VAL A 28 20.16 3.10 -15.06
C VAL A 28 20.97 1.99 -14.39
N ARG A 29 22.22 2.24 -14.12
CA ARG A 29 23.07 1.21 -13.47
C ARG A 29 23.66 1.75 -12.16
N LYS A 30 23.79 0.92 -11.17
CA LYS A 30 24.35 1.38 -9.87
C LYS A 30 24.62 0.18 -8.95
N ILE A 31 25.87 -0.07 -8.65
CA ILE A 31 26.18 -1.23 -7.77
C ILE A 31 27.15 -0.80 -6.66
N PHE A 32 26.72 -0.88 -5.42
CA PHE A 32 27.59 -0.49 -4.26
C PHE A 32 28.45 0.74 -4.58
N GLU A 33 27.82 1.87 -4.80
CA GLU A 33 28.60 3.11 -5.12
C GLU A 33 28.66 4.02 -3.89
N MET A 34 29.45 3.68 -2.91
CA MET A 34 29.55 4.54 -1.69
C MET A 34 30.06 5.92 -2.06
N LEU A 35 30.88 6.03 -3.08
CA LEU A 35 31.42 7.37 -3.47
C LEU A 35 30.27 8.34 -3.75
N PRO A 36 30.46 9.58 -3.37
CA PRO A 36 29.41 10.60 -3.58
C PRO A 36 29.33 11.01 -5.05
N PHE A 37 28.34 10.54 -5.75
CA PHE A 37 28.20 10.92 -7.19
C PHE A 37 27.53 12.29 -7.30
N GLY A 38 27.29 12.75 -8.50
CA GLY A 38 26.63 14.09 -8.65
C GLY A 38 25.34 14.12 -7.83
N LEU A 39 25.17 15.11 -6.99
CA LEU A 39 23.93 15.17 -6.16
C LEU A 39 23.84 16.52 -5.45
N GLY A 40 24.39 17.55 -6.02
CA GLY A 40 24.33 18.89 -5.36
C GLY A 40 25.26 18.89 -4.14
N LEU A 41 24.88 19.57 -3.09
CA LEU A 41 25.76 19.61 -1.89
C LEU A 41 25.04 18.98 -0.69
N LYS A 42 23.99 18.24 -0.93
CA LYS A 42 23.25 17.59 0.21
C LYS A 42 23.05 16.09 -0.07
N VAL A 43 22.93 15.29 0.96
CA VAL A 43 22.72 13.82 0.75
C VAL A 43 22.16 13.16 2.02
N ASP A 44 21.21 12.29 1.86
CA ASP A 44 20.61 11.57 3.03
C ASP A 44 21.48 10.36 3.42
N ASN A 45 21.05 9.61 4.40
CA ASN A 45 21.85 8.42 4.82
C ASN A 45 22.01 7.43 3.66
N ASP A 46 23.08 6.69 3.64
CA ASP A 46 23.30 5.72 2.54
C ASP A 46 22.36 4.51 2.67
N VAL A 47 22.31 3.90 3.83
CA VAL A 47 21.43 2.70 4.01
C VAL A 47 20.64 2.80 5.32
N MET A 48 19.40 2.39 5.31
CA MET A 48 18.59 2.45 6.56
C MET A 48 18.25 1.01 7.01
N GLU A 49 18.02 0.81 8.27
CA GLU A 49 17.71 -0.57 8.75
C GLU A 49 16.38 -1.06 8.16
N MET A 50 15.38 -0.23 8.11
CA MET A 50 14.07 -0.66 7.55
C MET A 50 14.14 -0.81 6.02
N THR A 51 14.68 0.17 5.34
CA THR A 51 14.77 0.10 3.85
C THR A 51 13.43 -0.31 3.22
N GLN A 52 12.33 -0.12 3.91
CA GLN A 52 11.01 -0.50 3.32
C GLN A 52 9.94 0.54 3.66
N GLU A 53 9.02 0.75 2.76
CA GLU A 53 7.93 1.74 3.02
C GLU A 53 6.58 1.16 2.58
N LYS A 54 5.51 1.64 3.13
CA LYS A 54 4.15 1.11 2.77
C LYS A 54 3.89 1.24 1.26
N MET A 55 4.24 2.34 0.66
CA MET A 55 3.99 2.52 -0.79
C MET A 55 4.79 1.51 -1.62
N LYS A 56 5.93 1.14 -1.16
CA LYS A 56 6.78 0.17 -1.93
C LYS A 56 6.16 -1.23 -1.94
N LYS A 57 5.95 -1.80 -0.78
CA LYS A 57 5.37 -3.17 -0.74
C LYS A 57 3.95 -3.18 -1.31
N PHE A 58 3.26 -2.07 -1.21
CA PHE A 58 1.85 -2.04 -1.69
C PHE A 58 1.79 -2.39 -3.19
N ARG A 59 2.62 -1.80 -4.00
CA ARG A 59 2.59 -2.13 -5.45
C ARG A 59 2.81 -3.63 -5.66
N VAL A 60 3.72 -4.21 -4.90
CA VAL A 60 4.01 -5.67 -5.05
C VAL A 60 2.82 -6.53 -4.64
N ILE A 61 2.28 -6.34 -3.48
CA ILE A 61 1.13 -7.17 -3.01
C ILE A 61 -0.01 -7.18 -4.03
N MET A 62 -0.05 -6.22 -4.91
CA MET A 62 -1.16 -6.19 -5.92
C MET A 62 -1.32 -7.56 -6.59
N ASP A 63 -0.25 -8.15 -7.04
CA ASP A 63 -0.36 -9.48 -7.70
C ASP A 63 -0.62 -10.57 -6.65
N SER A 64 -0.03 -10.46 -5.49
CA SER A 64 -0.26 -11.49 -4.43
C SER A 64 -1.72 -11.45 -3.99
N MET A 65 -2.30 -10.29 -4.03
CA MET A 65 -3.73 -10.12 -3.64
C MET A 65 -4.64 -10.38 -4.84
N THR A 66 -5.90 -10.57 -4.60
CA THR A 66 -6.84 -10.84 -5.71
C THR A 66 -7.70 -9.61 -6.00
N GLU A 67 -7.73 -9.19 -7.23
CA GLU A 67 -8.60 -8.01 -7.58
C GLU A 67 -10.02 -8.25 -7.04
N GLU A 68 -10.48 -9.45 -7.19
CA GLU A 68 -11.85 -9.82 -6.72
C GLU A 68 -12.02 -9.45 -5.25
N GLU A 69 -10.99 -9.67 -4.51
CA GLU A 69 -10.98 -9.34 -3.06
C GLU A 69 -11.01 -7.81 -2.87
N LEU A 70 -10.31 -7.11 -3.70
CA LEU A 70 -10.27 -5.62 -3.56
C LEU A 70 -11.67 -4.99 -3.62
N LEU A 71 -12.52 -5.49 -4.47
CA LEU A 71 -13.89 -4.88 -4.60
C LEU A 71 -14.89 -5.47 -3.61
N ASN A 72 -14.51 -6.44 -2.82
CA ASN A 72 -15.49 -7.03 -1.85
C ASN A 72 -14.76 -7.58 -0.62
N PRO A 73 -15.51 -7.88 0.42
CA PRO A 73 -14.89 -8.42 1.66
C PRO A 73 -14.23 -9.78 1.45
N LYS A 74 -14.40 -10.38 0.31
CA LYS A 74 -13.76 -11.72 0.05
C LYS A 74 -12.29 -11.65 0.44
N ILE A 75 -11.71 -10.48 0.38
CA ILE A 75 -10.28 -10.30 0.76
C ILE A 75 -10.04 -10.77 2.20
N ILE A 76 -11.07 -10.75 3.00
CA ILE A 76 -10.93 -11.16 4.44
C ILE A 76 -10.52 -12.62 4.58
N ASP A 77 -10.69 -13.44 3.58
CA ASP A 77 -10.32 -14.89 3.70
C ASP A 77 -8.98 -15.04 4.45
N SER A 78 -9.05 -15.34 5.72
CA SER A 78 -7.80 -15.48 6.53
C SER A 78 -6.86 -16.48 5.86
N SER A 79 -7.39 -17.56 5.37
CA SER A 79 -6.52 -18.54 4.69
C SER A 79 -5.93 -17.90 3.43
N ARG A 80 -6.75 -17.25 2.64
CA ARG A 80 -6.25 -16.60 1.40
C ARG A 80 -5.25 -15.48 1.73
N ILE A 81 -5.60 -14.60 2.63
CA ILE A 81 -4.68 -13.48 2.97
C ILE A 81 -3.39 -14.02 3.59
N ARG A 82 -3.48 -15.09 4.34
CA ARG A 82 -2.23 -15.66 4.93
C ARG A 82 -1.24 -15.93 3.80
N ARG A 83 -1.69 -16.69 2.83
CA ARG A 83 -0.83 -17.00 1.66
C ARG A 83 -0.39 -15.72 0.97
N ILE A 84 -1.29 -14.78 0.80
CA ILE A 84 -0.93 -13.53 0.08
C ILE A 84 0.28 -12.87 0.75
N ALA A 85 0.22 -12.67 2.03
CA ALA A 85 1.37 -12.05 2.74
C ALA A 85 2.64 -12.82 2.42
N ILE A 86 2.56 -14.12 2.39
CA ILE A 86 3.76 -14.93 2.07
C ILE A 86 4.25 -14.57 0.67
N GLY A 87 3.36 -14.45 -0.27
CA GLY A 87 3.79 -14.08 -1.65
C GLY A 87 4.47 -12.72 -1.61
N SER A 88 3.94 -11.81 -0.83
CA SER A 88 4.55 -10.47 -0.73
C SER A 88 5.75 -10.53 0.21
N GLY A 89 5.80 -11.51 1.08
CA GLY A 89 6.94 -11.64 2.01
C GLY A 89 6.65 -10.88 3.31
N THR A 90 5.51 -10.26 3.43
CA THR A 90 5.21 -9.51 4.69
C THR A 90 4.50 -10.44 5.69
N SER A 91 3.22 -10.24 5.92
CA SER A 91 2.48 -11.08 6.89
C SER A 91 1.01 -10.71 6.85
N PRO A 92 0.19 -11.55 7.40
CA PRO A 92 -1.27 -11.27 7.41
C PRO A 92 -1.54 -10.00 8.21
N GLN A 93 -0.87 -9.81 9.30
CA GLN A 93 -1.08 -8.58 10.11
C GLN A 93 -0.91 -7.34 9.24
N GLU A 94 0.07 -7.34 8.38
CA GLU A 94 0.31 -6.15 7.52
C GLU A 94 -0.84 -5.95 6.54
N VAL A 95 -1.53 -6.99 6.17
CA VAL A 95 -2.68 -6.80 5.24
C VAL A 95 -3.89 -6.38 6.05
N LYS A 96 -4.03 -6.85 7.26
CA LYS A 96 -5.18 -6.40 8.08
C LYS A 96 -5.07 -4.90 8.28
N GLU A 97 -3.87 -4.40 8.47
CA GLU A 97 -3.70 -2.94 8.62
C GLU A 97 -4.10 -2.25 7.32
N LEU A 98 -3.58 -2.66 6.20
CA LEU A 98 -3.95 -1.99 4.92
C LEU A 98 -5.47 -1.93 4.78
N LEU A 99 -6.19 -2.97 5.18
CA LEU A 99 -7.66 -2.87 5.05
C LEU A 99 -8.13 -1.80 6.03
N ASN A 100 -7.48 -1.78 7.18
CA ASN A 100 -7.82 -0.77 8.21
C ASN A 100 -7.73 0.62 7.60
N TYR A 101 -6.92 0.80 6.59
CA TYR A 101 -6.87 2.16 5.96
C TYR A 101 -8.26 2.46 5.43
N TYR A 102 -8.83 1.57 4.65
CA TYR A 102 -10.21 1.84 4.16
C TYR A 102 -11.14 2.05 5.37
N LYS A 103 -10.77 1.65 6.57
CA LYS A 103 -11.63 2.06 7.74
C LYS A 103 -11.74 3.60 7.65
N THR A 104 -10.60 4.22 7.48
CA THR A 104 -10.57 5.71 7.35
C THR A 104 -11.60 6.13 6.30
N MET A 105 -11.68 5.40 5.20
CA MET A 105 -12.71 5.74 4.17
C MET A 105 -14.07 5.84 4.85
N LYS A 106 -14.31 5.04 5.87
CA LYS A 106 -15.63 5.15 6.57
C LYS A 106 -15.82 6.62 6.93
N ASN A 107 -14.74 7.30 7.22
CA ASN A 107 -14.85 8.77 7.51
C ASN A 107 -15.46 9.45 6.27
N LEU A 108 -15.06 9.00 5.09
CA LEU A 108 -15.62 9.56 3.81
C LEU A 108 -17.14 9.70 3.96
N MET A 109 -17.73 8.81 4.71
CA MET A 109 -19.20 8.87 4.95
C MET A 109 -19.63 10.29 5.29
N LYS A 110 -19.00 10.91 6.25
CA LYS A 110 -19.39 12.29 6.62
C LYS A 110 -19.47 13.16 5.37
N LYS A 111 -18.57 12.96 4.44
CA LYS A 111 -18.62 13.77 3.20
C LYS A 111 -19.97 13.53 2.49
N MET A 112 -20.42 12.30 2.43
CA MET A 112 -21.71 12.03 1.73
C MET A 112 -22.13 10.55 1.87
N LYS A 113 -23.05 10.25 2.75
CA LYS A 113 -23.50 8.83 2.88
C LYS A 113 -24.96 8.76 3.34
N LYS A 114 -25.19 8.88 4.63
CA LYS A 114 -26.60 8.82 5.13
C LYS A 114 -27.21 10.21 5.22
N ASN A 115 -28.45 10.36 4.88
CA ASN A 115 -29.11 11.68 4.97
C ASN A 115 -30.33 11.61 5.89
N LYS A 116 -31.04 10.51 5.86
CA LYS A 116 -32.24 10.36 6.74
C LYS A 116 -33.19 11.54 6.56
N LEU A 117 -33.80 11.66 5.42
CA LEU A 117 -34.74 12.79 5.19
C LEU A 117 -36.07 12.54 5.91
N PRO A 118 -36.89 13.56 5.97
CA PRO A 118 -38.20 13.45 6.65
C PRO A 118 -39.15 12.54 5.84
N ILE A 119 -40.37 12.43 6.27
CA ILE A 119 -41.34 11.57 5.53
C ILE A 119 -41.80 12.26 4.24
N MET A 5 -14.79 -8.66 -15.10
CA MET A 5 -15.53 -9.22 -13.94
C MET A 5 -15.52 -8.23 -12.78
N GLU A 6 -15.90 -7.01 -13.02
CA GLU A 6 -15.91 -6.00 -11.93
C GLU A 6 -17.35 -5.60 -11.57
N LYS A 7 -17.66 -5.52 -10.31
CA LYS A 7 -19.03 -5.13 -9.89
C LYS A 7 -18.98 -3.89 -9.00
N GLY A 8 -18.08 -3.87 -8.05
CA GLY A 8 -17.99 -2.67 -7.18
C GLY A 8 -17.58 -1.48 -8.02
N THR A 9 -18.38 -0.44 -8.06
CA THR A 9 -18.04 0.77 -8.88
C THR A 9 -16.53 1.08 -8.86
N PHE A 10 -16.06 1.82 -7.90
CA PHE A 10 -14.60 2.14 -7.85
C PHE A 10 -13.77 0.93 -7.40
N THR A 11 -14.40 -0.18 -7.07
CA THR A 11 -13.64 -1.40 -6.63
C THR A 11 -12.51 -1.00 -5.65
N LEU A 12 -11.40 -1.69 -5.69
CA LEU A 12 -10.26 -1.30 -4.81
C LEU A 12 -8.94 -1.33 -5.62
N LYS A 13 -8.99 -1.83 -6.84
CA LYS A 13 -7.77 -1.86 -7.71
C LYS A 13 -7.34 -0.44 -8.07
N ASP A 14 -8.19 0.53 -7.82
CA ASP A 14 -7.82 1.95 -8.13
C ASP A 14 -6.82 2.45 -7.09
N ILE A 15 -6.77 1.80 -5.95
CA ILE A 15 -5.81 2.23 -4.87
C ILE A 15 -4.46 1.52 -5.02
N TYR A 16 -4.47 0.23 -5.28
CA TYR A 16 -3.17 -0.51 -5.39
C TYR A 16 -2.32 0.04 -6.54
N LYS A 17 -2.88 0.19 -7.71
CA LYS A 17 -2.07 0.70 -8.86
C LYS A 17 -1.77 2.19 -8.67
N GLN A 18 -2.47 2.85 -7.80
CA GLN A 18 -2.22 4.31 -7.58
C GLN A 18 -0.81 4.55 -7.06
N ILE A 19 -0.17 3.56 -6.49
CA ILE A 19 1.20 3.80 -5.93
C ILE A 19 2.26 3.85 -7.02
N GLU A 20 2.21 3.02 -8.04
CA GLU A 20 3.27 3.09 -9.10
C GLU A 20 3.46 4.53 -9.59
N ALA A 21 2.39 5.27 -9.68
CA ALA A 21 2.50 6.68 -10.16
C ALA A 21 3.35 7.52 -9.21
N MET A 22 3.32 7.21 -7.94
CA MET A 22 4.13 8.00 -6.96
C MET A 22 3.85 9.49 -7.15
N ASN A 23 2.91 10.03 -6.41
CA ASN A 23 2.60 11.47 -6.55
C ASN A 23 3.61 12.32 -5.79
N LYS A 24 4.01 13.43 -6.34
CA LYS A 24 5.00 14.30 -5.64
C LYS A 24 6.27 13.50 -5.32
N MET A 25 6.86 12.88 -6.30
CA MET A 25 8.08 12.07 -6.05
C MET A 25 9.17 12.95 -5.42
N GLY A 26 9.16 14.22 -5.73
CA GLY A 26 10.19 15.13 -5.15
C GLY A 26 11.54 14.88 -5.82
N PRO A 27 11.59 15.15 -7.10
CA PRO A 27 12.85 14.94 -7.86
C PRO A 27 13.90 15.99 -7.45
N VAL A 28 13.50 17.22 -7.29
CA VAL A 28 14.48 18.27 -6.89
C VAL A 28 15.03 17.99 -5.50
N ARG A 29 14.19 17.63 -4.57
CA ARG A 29 14.68 17.33 -3.19
C ARG A 29 15.71 16.20 -3.25
N LYS A 30 15.48 15.23 -4.08
CA LYS A 30 16.45 14.10 -4.20
C LYS A 30 17.63 14.51 -5.07
N ILE A 31 18.83 14.41 -4.57
CA ILE A 31 20.01 14.80 -5.38
C ILE A 31 21.06 13.69 -5.36
N PHE A 32 21.78 13.52 -6.43
CA PHE A 32 22.82 12.45 -6.48
C PHE A 32 24.17 13.01 -6.02
N GLU A 33 24.77 12.40 -5.03
CA GLU A 33 26.08 12.89 -4.54
C GLU A 33 27.01 11.72 -4.23
N MET A 34 28.29 11.89 -4.44
CA MET A 34 29.25 10.78 -4.14
C MET A 34 30.12 11.15 -2.93
N LEU A 35 29.69 10.77 -1.76
CA LEU A 35 30.49 11.09 -0.54
C LEU A 35 30.71 9.84 0.31
N PRO A 36 31.64 9.02 -0.14
CA PRO A 36 31.95 7.77 0.60
C PRO A 36 32.82 8.08 1.83
N PHE A 37 33.41 7.09 2.42
CA PHE A 37 34.25 7.34 3.63
C PHE A 37 33.45 8.12 4.67
N GLY A 38 32.68 7.44 5.47
CA GLY A 38 31.86 8.15 6.50
C GLY A 38 32.74 9.08 7.33
N LEU A 39 32.73 10.35 7.02
CA LEU A 39 33.57 11.31 7.81
C LEU A 39 33.00 11.46 9.22
N GLY A 40 31.70 11.27 9.37
CA GLY A 40 31.10 11.38 10.72
C GLY A 40 30.90 12.85 11.10
N LEU A 41 30.33 13.63 10.23
CA LEU A 41 30.11 15.07 10.57
C LEU A 41 29.05 15.71 9.66
N LYS A 42 29.44 16.26 8.55
CA LYS A 42 28.43 16.91 7.64
C LYS A 42 27.36 15.90 7.20
N VAL A 43 27.73 14.67 6.97
CA VAL A 43 26.72 13.67 6.54
C VAL A 43 25.82 13.25 7.71
N ASP A 44 24.58 13.68 7.70
CA ASP A 44 23.66 13.30 8.81
C ASP A 44 23.04 11.92 8.54
N ASN A 45 23.05 11.04 9.51
CA ASN A 45 22.45 9.69 9.29
C ASN A 45 21.02 9.65 9.83
N ASP A 46 20.25 8.68 9.41
CA ASP A 46 18.84 8.57 9.91
C ASP A 46 18.11 9.91 9.72
N VAL A 47 18.24 10.51 8.57
CA VAL A 47 17.55 11.81 8.33
C VAL A 47 16.03 11.61 8.23
N MET A 48 15.60 10.47 7.74
CA MET A 48 14.13 10.23 7.62
C MET A 48 13.73 8.94 8.34
N GLU A 49 13.87 7.82 7.68
CA GLU A 49 13.50 6.52 8.32
C GLU A 49 14.73 5.63 8.48
N MET A 50 14.67 4.66 9.35
CA MET A 50 15.85 3.76 9.53
C MET A 50 16.00 2.83 8.32
N THR A 51 15.14 1.86 8.20
CA THR A 51 15.24 0.93 7.03
C THR A 51 13.91 0.19 6.82
N GLN A 52 12.82 0.74 7.29
CA GLN A 52 11.51 0.05 7.11
C GLN A 52 10.64 0.82 6.10
N GLU A 53 10.18 0.16 5.08
CA GLU A 53 9.33 0.85 4.06
C GLU A 53 8.11 -0.01 3.71
N LYS A 54 6.96 0.34 4.22
CA LYS A 54 5.74 -0.46 3.91
C LYS A 54 5.13 -0.01 2.59
N MET A 55 5.46 1.16 2.13
CA MET A 55 4.89 1.64 0.84
C MET A 55 5.37 0.76 -0.31
N LYS A 56 6.61 0.39 -0.29
CA LYS A 56 7.15 -0.48 -1.38
C LYS A 56 6.41 -1.81 -1.40
N LYS A 57 6.03 -2.29 -0.25
CA LYS A 57 5.29 -3.59 -0.19
C LYS A 57 3.81 -3.38 -0.51
N PHE A 58 3.37 -2.15 -0.63
CA PHE A 58 1.95 -1.90 -0.97
C PHE A 58 1.69 -2.31 -2.42
N ARG A 59 2.46 -1.77 -3.33
CA ARG A 59 2.29 -2.11 -4.77
C ARG A 59 2.48 -3.60 -5.02
N VAL A 60 3.40 -4.23 -4.32
CA VAL A 60 3.65 -5.69 -4.53
C VAL A 60 2.38 -6.51 -4.26
N ILE A 61 1.74 -6.32 -3.14
CA ILE A 61 0.53 -7.13 -2.82
C ILE A 61 -0.49 -7.11 -3.95
N MET A 62 -0.43 -6.16 -4.83
CA MET A 62 -1.42 -6.11 -5.95
C MET A 62 -1.43 -7.46 -6.67
N ASP A 63 -0.29 -7.90 -7.14
CA ASP A 63 -0.26 -9.21 -7.85
C ASP A 63 -0.48 -10.36 -6.86
N SER A 64 0.05 -10.24 -5.66
CA SER A 64 -0.15 -11.32 -4.67
C SER A 64 -1.64 -11.44 -4.33
N MET A 65 -2.36 -10.37 -4.47
CA MET A 65 -3.82 -10.37 -4.20
C MET A 65 -4.56 -10.66 -5.50
N THR A 66 -5.70 -11.29 -5.42
CA THR A 66 -6.46 -11.61 -6.64
C THR A 66 -7.41 -10.46 -6.98
N GLU A 67 -7.38 -10.01 -8.19
CA GLU A 67 -8.30 -8.89 -8.59
C GLU A 67 -9.73 -9.21 -8.12
N GLU A 68 -10.14 -10.43 -8.31
CA GLU A 68 -11.52 -10.84 -7.90
C GLU A 68 -11.74 -10.55 -6.42
N GLU A 69 -10.71 -10.77 -5.64
CA GLU A 69 -10.79 -10.50 -4.18
C GLU A 69 -10.92 -9.00 -3.93
N LEU A 70 -10.18 -8.20 -4.64
CA LEU A 70 -10.25 -6.72 -4.43
C LEU A 70 -11.68 -6.23 -4.62
N LEU A 71 -12.37 -6.77 -5.57
CA LEU A 71 -13.78 -6.34 -5.80
C LEU A 71 -14.62 -6.57 -4.54
N ASN A 72 -14.39 -7.65 -3.85
CA ASN A 72 -15.17 -7.92 -2.61
C ASN A 72 -14.24 -8.49 -1.52
N PRO A 73 -13.73 -7.61 -0.70
CA PRO A 73 -12.81 -8.01 0.39
C PRO A 73 -13.55 -8.77 1.49
N LYS A 74 -14.84 -8.62 1.57
CA LYS A 74 -15.61 -9.35 2.63
C LYS A 74 -15.61 -10.85 2.32
N ILE A 75 -15.53 -11.21 1.06
CA ILE A 75 -15.53 -12.65 0.68
C ILE A 75 -14.29 -13.38 1.23
N ILE A 76 -13.18 -12.70 1.31
CA ILE A 76 -11.94 -13.37 1.82
C ILE A 76 -11.13 -12.39 2.67
N ASP A 77 -10.25 -12.88 3.46
CA ASP A 77 -9.42 -11.97 4.29
C ASP A 77 -8.24 -12.73 4.92
N SER A 78 -8.44 -13.30 6.07
CA SER A 78 -7.33 -14.03 6.76
C SER A 78 -6.73 -15.13 5.88
N SER A 79 -7.55 -15.95 5.26
CA SER A 79 -6.99 -17.06 4.43
C SER A 79 -6.29 -16.54 3.17
N ARG A 80 -6.99 -15.83 2.33
CA ARG A 80 -6.34 -15.31 1.09
C ARG A 80 -5.16 -14.38 1.41
N ILE A 81 -5.34 -13.47 2.33
CA ILE A 81 -4.21 -12.56 2.66
C ILE A 81 -3.05 -13.34 3.26
N ARG A 82 -3.34 -14.43 3.93
CA ARG A 82 -2.23 -15.24 4.51
C ARG A 82 -1.23 -15.60 3.41
N ARG A 83 -1.71 -16.29 2.41
CA ARG A 83 -0.83 -16.65 1.27
C ARG A 83 -0.23 -15.39 0.66
N ILE A 84 -1.02 -14.35 0.53
CA ILE A 84 -0.49 -13.12 -0.11
C ILE A 84 0.73 -12.61 0.64
N ALA A 85 0.64 -12.50 1.93
CA ALA A 85 1.82 -12.03 2.70
C ALA A 85 3.03 -12.85 2.33
N ILE A 86 2.82 -14.11 2.07
CA ILE A 86 3.95 -14.96 1.67
C ILE A 86 4.45 -14.47 0.32
N GLY A 87 3.54 -14.13 -0.58
CA GLY A 87 3.94 -13.61 -1.93
C GLY A 87 3.96 -12.08 -1.88
N SER A 88 3.99 -11.52 -0.70
CA SER A 88 4.07 -10.05 -0.56
C SER A 88 4.99 -9.72 0.62
N GLY A 89 5.93 -10.59 0.85
CA GLY A 89 6.97 -10.42 1.94
C GLY A 89 6.44 -9.64 3.14
N THR A 90 5.35 -10.09 3.73
CA THR A 90 4.83 -9.36 4.92
C THR A 90 4.05 -10.35 5.82
N SER A 91 2.78 -10.14 5.98
CA SER A 91 1.98 -11.05 6.84
C SER A 91 0.52 -10.60 6.76
N PRO A 92 -0.36 -11.45 7.19
CA PRO A 92 -1.80 -11.10 7.15
C PRO A 92 -2.05 -9.88 8.01
N GLN A 93 -1.43 -9.81 9.16
CA GLN A 93 -1.60 -8.64 10.05
C GLN A 93 -1.31 -7.33 9.33
N GLU A 94 -0.24 -7.29 8.58
CA GLU A 94 0.11 -6.02 7.87
C GLU A 94 -0.91 -5.71 6.77
N VAL A 95 -1.54 -6.70 6.23
CA VAL A 95 -2.56 -6.41 5.19
C VAL A 95 -3.85 -6.00 5.88
N LYS A 96 -4.15 -6.56 7.02
CA LYS A 96 -5.39 -6.16 7.73
C LYS A 96 -5.33 -4.65 7.99
N GLU A 97 -4.16 -4.13 8.27
CA GLU A 97 -4.04 -2.67 8.46
C GLU A 97 -4.36 -1.97 7.14
N LEU A 98 -3.77 -2.40 6.06
CA LEU A 98 -4.05 -1.74 4.76
C LEU A 98 -5.56 -1.68 4.52
N LEU A 99 -6.28 -2.75 4.79
CA LEU A 99 -7.75 -2.67 4.58
C LEU A 99 -8.27 -1.67 5.61
N ASN A 100 -7.71 -1.78 6.79
CA ASN A 100 -8.08 -0.86 7.89
C ASN A 100 -7.91 0.57 7.41
N TYR A 101 -7.08 0.78 6.41
CA TYR A 101 -6.93 2.17 5.90
C TYR A 101 -8.28 2.64 5.40
N TYR A 102 -8.93 1.88 4.54
CA TYR A 102 -10.30 2.30 4.10
C TYR A 102 -11.19 2.46 5.35
N LYS A 103 -10.89 1.84 6.47
CA LYS A 103 -11.70 2.17 7.70
C LYS A 103 -11.63 3.70 7.85
N THR A 104 -10.43 4.20 7.82
CA THR A 104 -10.21 5.69 7.91
C THR A 104 -11.19 6.38 6.94
N MET A 105 -11.39 5.80 5.78
CA MET A 105 -12.35 6.41 4.82
C MET A 105 -13.68 6.63 5.53
N LYS A 106 -14.06 5.74 6.43
CA LYS A 106 -15.32 5.95 7.18
C LYS A 106 -15.25 7.34 7.82
N ASN A 107 -14.06 7.73 8.22
CA ASN A 107 -13.86 9.09 8.80
C ASN A 107 -14.41 10.11 7.81
N LEU A 108 -14.31 9.81 6.52
CA LEU A 108 -14.88 10.74 5.48
C LEU A 108 -16.29 11.13 5.92
N MET A 109 -16.98 10.18 6.50
CA MET A 109 -18.36 10.45 7.01
C MET A 109 -18.34 11.70 7.89
N LYS A 110 -17.22 12.03 8.47
CA LYS A 110 -17.15 13.29 9.27
C LYS A 110 -17.54 14.46 8.36
N LYS A 111 -17.22 14.32 7.09
CA LYS A 111 -17.58 15.37 6.09
C LYS A 111 -19.09 15.34 5.87
N MET A 112 -19.59 14.23 5.36
CA MET A 112 -21.06 14.00 5.07
C MET A 112 -21.37 14.26 3.60
N LYS A 113 -21.83 13.26 2.90
CA LYS A 113 -22.17 13.43 1.46
C LYS A 113 -23.54 12.80 1.17
N LYS A 114 -23.66 11.52 1.40
CA LYS A 114 -24.97 10.84 1.15
C LYS A 114 -25.94 11.15 2.30
N ASN A 115 -27.18 11.40 1.97
CA ASN A 115 -28.18 11.71 3.04
C ASN A 115 -28.88 10.43 3.51
N LYS A 116 -28.15 9.48 4.00
CA LYS A 116 -28.78 8.21 4.49
C LYS A 116 -29.74 8.51 5.64
N LEU A 117 -29.59 9.65 6.27
CA LEU A 117 -30.50 10.01 7.40
C LEU A 117 -30.42 11.52 7.67
N PRO A 118 -29.26 11.98 8.08
CA PRO A 118 -29.10 13.44 8.34
C PRO A 118 -29.12 14.20 7.01
N ILE A 119 -29.46 15.46 7.04
CA ILE A 119 -29.49 16.24 5.76
C ILE A 119 -28.18 17.01 5.58
N MET A 5 -24.98 -3.43 -9.44
CA MET A 5 -24.79 -1.95 -9.46
C MET A 5 -23.98 -1.50 -8.24
N GLU A 6 -24.27 -2.04 -7.09
CA GLU A 6 -23.52 -1.65 -5.87
C GLU A 6 -22.02 -1.90 -6.06
N LYS A 7 -21.66 -2.91 -6.81
CA LYS A 7 -20.22 -3.20 -7.02
C LYS A 7 -19.70 -2.46 -8.25
N GLY A 8 -18.43 -2.11 -8.26
CA GLY A 8 -17.88 -1.38 -9.44
C GLY A 8 -17.63 0.07 -9.07
N THR A 9 -18.31 0.57 -8.07
CA THR A 9 -18.10 1.98 -7.65
C THR A 9 -16.69 2.11 -7.08
N PHE A 10 -15.72 2.23 -7.93
CA PHE A 10 -14.29 2.35 -7.48
C PHE A 10 -14.02 1.40 -6.30
N THR A 11 -14.06 0.11 -6.53
CA THR A 11 -13.81 -0.86 -5.44
C THR A 11 -12.50 -0.52 -4.71
N LEU A 12 -11.42 -1.19 -5.02
CA LEU A 12 -10.13 -0.90 -4.33
C LEU A 12 -8.96 -0.86 -5.33
N LYS A 13 -9.12 -1.46 -6.48
CA LYS A 13 -8.02 -1.45 -7.50
C LYS A 13 -7.67 -0.01 -7.90
N ASP A 14 -8.51 0.93 -7.60
CA ASP A 14 -8.21 2.36 -7.93
C ASP A 14 -7.18 2.90 -6.93
N ILE A 15 -7.02 2.25 -5.80
CA ILE A 15 -6.03 2.71 -4.79
C ILE A 15 -4.62 2.26 -5.18
N TYR A 16 -4.51 1.08 -5.75
CA TYR A 16 -3.16 0.57 -6.14
C TYR A 16 -2.47 1.49 -7.16
N LYS A 17 -3.20 1.96 -8.14
CA LYS A 17 -2.57 2.86 -9.15
C LYS A 17 -1.87 4.03 -8.47
N GLN A 18 -2.40 4.51 -7.40
CA GLN A 18 -1.77 5.66 -6.68
C GLN A 18 -0.38 5.30 -6.14
N ILE A 19 -0.20 4.08 -5.69
CA ILE A 19 1.15 3.71 -5.16
C ILE A 19 2.08 3.27 -6.28
N GLU A 20 1.56 2.97 -7.45
CA GLU A 20 2.45 2.55 -8.58
C GLU A 20 3.60 3.54 -8.76
N ALA A 21 3.35 4.80 -8.55
CA ALA A 21 4.42 5.83 -8.72
C ALA A 21 5.50 5.69 -7.66
N MET A 22 5.27 4.92 -6.62
CA MET A 22 6.30 4.77 -5.55
C MET A 22 6.69 6.15 -5.02
N ASN A 23 5.73 7.00 -4.77
CA ASN A 23 6.04 8.36 -4.25
C ASN A 23 6.94 9.11 -5.26
N LYS A 24 6.90 10.41 -5.21
CA LYS A 24 7.74 11.21 -6.16
C LYS A 24 9.19 11.25 -5.68
N MET A 25 10.05 11.86 -6.46
CA MET A 25 11.49 11.94 -6.06
C MET A 25 12.05 10.55 -5.78
N GLY A 26 13.32 10.46 -5.50
CA GLY A 26 13.94 9.12 -5.22
C GLY A 26 14.02 8.91 -3.71
N PRO A 27 14.51 7.75 -3.33
CA PRO A 27 14.64 7.41 -1.89
C PRO A 27 15.69 8.30 -1.21
N VAL A 28 16.59 8.85 -1.97
CA VAL A 28 17.63 9.73 -1.36
C VAL A 28 17.78 11.03 -2.15
N ARG A 29 17.95 12.13 -1.47
CA ARG A 29 18.10 13.43 -2.18
C ARG A 29 19.47 14.04 -1.88
N LYS A 30 19.84 14.15 -0.62
CA LYS A 30 21.16 14.74 -0.27
C LYS A 30 21.28 16.16 -0.82
N ILE A 31 20.54 17.09 -0.28
CA ILE A 31 20.60 18.49 -0.79
C ILE A 31 22.05 18.99 -0.76
N PHE A 32 22.84 18.51 0.17
CA PHE A 32 24.26 18.95 0.23
C PHE A 32 25.18 17.80 -0.16
N GLU A 33 26.35 18.11 -0.68
CA GLU A 33 27.28 17.03 -1.11
C GLU A 33 28.43 16.86 -0.11
N MET A 34 28.88 15.64 0.06
CA MET A 34 30.02 15.39 1.00
C MET A 34 31.28 15.07 0.19
N LEU A 35 32.40 15.59 0.58
CA LEU A 35 33.65 15.32 -0.20
C LEU A 35 34.65 14.46 0.58
N PRO A 36 34.99 14.86 1.79
CA PRO A 36 35.96 14.09 2.58
C PRO A 36 35.26 13.00 3.39
N PHE A 37 33.98 13.14 3.61
CA PHE A 37 33.25 12.12 4.40
C PHE A 37 32.87 10.92 3.52
N GLY A 38 33.37 9.77 3.86
CA GLY A 38 33.03 8.54 3.08
C GLY A 38 32.22 7.60 3.98
N LEU A 39 31.57 8.14 4.98
CA LEU A 39 30.78 7.31 5.92
C LEU A 39 29.50 6.81 5.24
N GLY A 40 29.05 5.64 5.61
CA GLY A 40 27.80 5.12 4.99
C GLY A 40 26.64 6.03 5.37
N LEU A 41 25.68 5.55 6.12
CA LEU A 41 24.55 6.43 6.52
C LEU A 41 24.65 6.77 8.01
N LYS A 42 24.64 8.05 8.33
CA LYS A 42 24.72 8.53 9.76
C LYS A 42 25.31 7.47 10.71
N VAL A 43 26.61 7.32 10.73
CA VAL A 43 27.29 6.31 11.61
C VAL A 43 26.44 5.04 11.76
N ASP A 44 26.53 4.14 10.83
CA ASP A 44 25.73 2.89 10.90
C ASP A 44 24.24 3.22 11.04
N ASN A 45 23.72 3.28 12.24
CA ASN A 45 22.26 3.59 12.41
C ASN A 45 22.07 4.47 13.65
N ASP A 46 20.96 5.16 13.75
CA ASP A 46 20.71 6.01 14.94
C ASP A 46 19.31 6.61 14.92
N VAL A 47 18.86 7.06 13.78
CA VAL A 47 17.49 7.65 13.70
C VAL A 47 16.42 6.56 13.79
N MET A 48 16.74 5.36 13.40
CA MET A 48 15.73 4.26 13.47
C MET A 48 16.42 2.89 13.44
N GLU A 49 16.29 2.13 14.49
CA GLU A 49 16.94 0.78 14.52
C GLU A 49 16.39 -0.13 13.42
N MET A 50 15.13 -0.02 13.12
CA MET A 50 14.54 -0.88 12.06
C MET A 50 13.91 -0.02 10.96
N THR A 51 14.19 -0.31 9.71
CA THR A 51 13.62 0.48 8.61
C THR A 51 12.90 -0.44 7.61
N GLN A 52 11.69 -0.11 7.25
CA GLN A 52 10.94 -0.97 6.28
C GLN A 52 10.16 -0.10 5.29
N GLU A 53 9.80 -0.64 4.16
CA GLU A 53 9.03 0.16 3.16
C GLU A 53 7.55 -0.25 3.21
N LYS A 54 6.67 0.70 3.30
CA LYS A 54 5.22 0.37 3.36
C LYS A 54 4.61 0.32 1.94
N MET A 55 4.62 1.43 1.27
CA MET A 55 4.04 1.47 -0.11
C MET A 55 4.84 0.59 -1.08
N LYS A 56 6.11 0.45 -0.84
CA LYS A 56 6.95 -0.37 -1.76
C LYS A 56 6.43 -1.81 -1.84
N LYS A 57 6.24 -2.44 -0.71
CA LYS A 57 5.75 -3.85 -0.73
C LYS A 57 4.32 -3.90 -1.31
N PHE A 58 3.54 -2.88 -1.10
CA PHE A 58 2.14 -2.92 -1.59
C PHE A 58 2.11 -3.09 -3.11
N ARG A 59 2.93 -2.40 -3.83
CA ARG A 59 2.92 -2.57 -5.32
C ARG A 59 3.15 -4.05 -5.65
N VAL A 60 4.00 -4.70 -4.91
CA VAL A 60 4.28 -6.15 -5.17
C VAL A 60 3.02 -6.99 -4.86
N ILE A 61 2.42 -6.78 -3.72
CA ILE A 61 1.20 -7.58 -3.35
C ILE A 61 0.19 -7.69 -4.49
N MET A 62 0.23 -6.81 -5.46
CA MET A 62 -0.76 -6.88 -6.57
C MET A 62 -0.91 -8.32 -7.08
N ASP A 63 0.17 -8.99 -7.36
CA ASP A 63 0.07 -10.40 -7.84
C ASP A 63 -0.22 -11.33 -6.65
N SER A 64 0.29 -11.03 -5.49
CA SER A 64 0.02 -11.90 -4.32
C SER A 64 -1.48 -12.00 -4.09
N MET A 65 -2.18 -10.93 -4.33
CA MET A 65 -3.66 -10.93 -4.16
C MET A 65 -4.32 -10.94 -5.53
N THR A 66 -5.58 -11.23 -5.61
CA THR A 66 -6.24 -11.28 -6.94
C THR A 66 -7.23 -10.14 -7.11
N GLU A 67 -7.33 -9.64 -8.31
CA GLU A 67 -8.29 -8.53 -8.58
C GLU A 67 -9.67 -8.88 -8.00
N GLU A 68 -10.11 -10.09 -8.19
CA GLU A 68 -11.45 -10.50 -7.66
C GLU A 68 -11.52 -10.17 -6.17
N GLU A 69 -10.42 -10.33 -5.49
CA GLU A 69 -10.38 -9.98 -4.04
C GLU A 69 -10.54 -8.47 -3.85
N LEU A 70 -9.91 -7.69 -4.70
CA LEU A 70 -10.02 -6.20 -4.55
C LEU A 70 -11.44 -5.72 -4.83
N LEU A 71 -12.02 -6.21 -5.89
CA LEU A 71 -13.41 -5.78 -6.24
C LEU A 71 -14.38 -6.25 -5.15
N ASN A 72 -14.12 -7.38 -4.56
CA ASN A 72 -15.02 -7.88 -3.49
C ASN A 72 -14.22 -8.15 -2.21
N PRO A 73 -14.12 -7.13 -1.39
CA PRO A 73 -13.35 -7.27 -0.12
C PRO A 73 -14.06 -8.25 0.81
N LYS A 74 -15.36 -8.25 0.79
CA LYS A 74 -16.11 -9.20 1.67
C LYS A 74 -15.68 -10.64 1.35
N ILE A 75 -15.21 -10.88 0.16
CA ILE A 75 -14.80 -12.27 -0.21
C ILE A 75 -13.35 -12.55 0.25
N ILE A 76 -12.84 -11.78 1.17
CA ILE A 76 -11.47 -12.04 1.66
C ILE A 76 -11.52 -12.97 2.86
N ASP A 77 -10.51 -13.74 3.07
CA ASP A 77 -10.51 -14.68 4.22
C ASP A 77 -9.19 -14.60 4.98
N SER A 78 -9.22 -14.83 6.27
CA SER A 78 -7.96 -14.78 7.05
C SER A 78 -6.93 -15.73 6.43
N SER A 79 -7.38 -16.86 5.96
CA SER A 79 -6.43 -17.82 5.33
C SER A 79 -5.92 -17.26 4.00
N ARG A 80 -6.78 -16.67 3.21
CA ARG A 80 -6.32 -16.12 1.89
C ARG A 80 -5.25 -15.05 2.11
N ILE A 81 -5.49 -14.11 2.98
CA ILE A 81 -4.47 -13.04 3.22
C ILE A 81 -3.21 -13.65 3.82
N ARG A 82 -3.33 -14.72 4.56
CA ARG A 82 -2.12 -15.37 5.14
C ARG A 82 -1.13 -15.69 4.03
N ARG A 83 -1.55 -16.52 3.10
CA ARG A 83 -0.68 -16.89 1.96
C ARG A 83 -0.25 -15.64 1.23
N ILE A 84 -1.17 -14.74 1.03
CA ILE A 84 -0.83 -13.49 0.31
C ILE A 84 0.30 -12.78 1.06
N ALA A 85 0.18 -12.63 2.34
CA ALA A 85 1.28 -12.02 3.13
C ALA A 85 2.56 -12.79 2.87
N ILE A 86 2.44 -14.08 2.85
CA ILE A 86 3.62 -14.95 2.62
C ILE A 86 4.12 -14.78 1.19
N GLY A 87 3.21 -14.63 0.26
CA GLY A 87 3.60 -14.47 -1.16
C GLY A 87 4.27 -13.12 -1.37
N SER A 88 3.70 -12.09 -0.85
CA SER A 88 4.34 -10.76 -0.97
C SER A 88 5.37 -10.57 0.15
N GLY A 89 5.35 -11.42 1.15
CA GLY A 89 6.30 -11.29 2.28
C GLY A 89 5.98 -10.01 3.06
N THR A 90 4.79 -9.48 2.89
CA THR A 90 4.44 -8.22 3.60
C THR A 90 3.73 -8.46 4.92
N SER A 91 3.33 -9.68 5.22
CA SER A 91 2.61 -9.97 6.51
C SER A 91 1.12 -9.68 6.34
N PRO A 92 0.29 -10.53 6.88
CA PRO A 92 -1.17 -10.30 6.81
C PRO A 92 -1.49 -8.97 7.46
N GLN A 93 -0.72 -8.61 8.44
CA GLN A 93 -0.92 -7.31 9.13
C GLN A 93 -0.87 -6.15 8.14
N GLU A 94 0.03 -6.19 7.18
CA GLU A 94 0.13 -5.08 6.22
C GLU A 94 -1.10 -4.99 5.32
N VAL A 95 -1.69 -6.10 4.98
CA VAL A 95 -2.92 -6.03 4.15
C VAL A 95 -4.09 -5.78 5.08
N LYS A 96 -4.02 -6.27 6.29
CA LYS A 96 -5.12 -6.01 7.25
C LYS A 96 -5.20 -4.50 7.50
N GLU A 97 -4.07 -3.86 7.69
CA GLU A 97 -4.11 -2.38 7.89
C GLU A 97 -4.56 -1.74 6.59
N LEU A 98 -4.04 -2.16 5.47
CA LEU A 98 -4.46 -1.55 4.19
C LEU A 98 -5.98 -1.57 4.08
N LEU A 99 -6.61 -2.68 4.41
CA LEU A 99 -8.10 -2.66 4.33
C LEU A 99 -8.58 -1.72 5.42
N ASN A 100 -7.93 -1.84 6.55
CA ASN A 100 -8.26 -0.96 7.69
C ASN A 100 -8.16 0.49 7.24
N TYR A 101 -7.40 0.75 6.19
CA TYR A 101 -7.32 2.15 5.71
C TYR A 101 -8.73 2.60 5.34
N TYR A 102 -9.42 1.84 4.51
CA TYR A 102 -10.84 2.22 4.21
C TYR A 102 -11.63 2.32 5.53
N LYS A 103 -11.24 1.67 6.60
CA LYS A 103 -11.95 1.95 7.90
C LYS A 103 -11.89 3.48 8.10
N THR A 104 -10.70 4.01 8.00
CA THR A 104 -10.51 5.49 8.11
C THR A 104 -11.57 6.19 7.24
N MET A 105 -11.85 5.63 6.09
CA MET A 105 -12.89 6.25 5.22
C MET A 105 -14.16 6.45 6.04
N LYS A 106 -14.47 5.53 6.94
CA LYS A 106 -15.67 5.74 7.78
C LYS A 106 -15.54 7.11 8.45
N ASN A 107 -14.31 7.48 8.76
CA ASN A 107 -14.08 8.83 9.38
C ASN A 107 -14.69 9.87 8.46
N LEU A 108 -14.71 9.60 7.17
CA LEU A 108 -15.36 10.56 6.20
C LEU A 108 -16.73 10.91 6.75
N MET A 109 -17.35 9.95 7.39
CA MET A 109 -18.69 10.20 8.03
C MET A 109 -18.61 11.43 8.92
N LYS A 110 -17.43 11.79 9.37
CA LYS A 110 -17.30 13.04 10.17
C LYS A 110 -17.84 14.20 9.31
N LYS A 111 -17.77 14.02 8.01
CA LYS A 111 -18.28 15.04 7.07
C LYS A 111 -19.73 15.40 7.41
N MET A 112 -20.43 14.53 8.12
CA MET A 112 -21.83 14.83 8.50
C MET A 112 -21.89 16.08 9.39
N LYS A 113 -22.66 16.09 10.45
CA LYS A 113 -22.72 17.30 11.34
C LYS A 113 -23.17 18.54 10.56
N LYS A 114 -24.32 18.48 9.94
CA LYS A 114 -24.81 19.67 9.18
C LYS A 114 -25.97 20.33 9.93
N ASN A 115 -25.92 21.63 10.10
CA ASN A 115 -27.02 22.32 10.83
C ASN A 115 -27.82 23.20 9.85
N LYS A 116 -29.01 22.78 9.50
CA LYS A 116 -29.82 23.59 8.55
C LYS A 116 -30.12 24.98 9.16
N LEU A 117 -30.45 25.01 10.42
CA LEU A 117 -30.74 26.32 11.08
C LEU A 117 -30.65 26.18 12.60
N PRO A 118 -29.44 26.20 13.10
CA PRO A 118 -29.23 26.07 14.56
C PRO A 118 -29.52 27.40 15.27
N ILE A 119 -28.73 28.40 15.04
CA ILE A 119 -28.96 29.72 15.71
C ILE A 119 -29.55 30.73 14.71
N MET A 5 -22.81 -2.14 0.16
CA MET A 5 -22.51 -3.29 -0.75
C MET A 5 -21.68 -2.82 -1.94
N GLU A 6 -20.53 -3.41 -2.15
CA GLU A 6 -19.69 -2.99 -3.31
C GLU A 6 -20.44 -3.21 -4.62
N LYS A 7 -20.46 -2.22 -5.47
CA LYS A 7 -21.18 -2.37 -6.77
C LYS A 7 -20.39 -3.27 -7.72
N GLY A 8 -19.11 -3.36 -7.52
CA GLY A 8 -18.27 -4.20 -8.41
C GLY A 8 -17.47 -3.31 -9.37
N THR A 9 -17.82 -2.06 -9.47
CA THR A 9 -17.07 -1.14 -10.38
C THR A 9 -15.67 -0.88 -9.79
N PHE A 10 -15.27 0.36 -9.62
CA PHE A 10 -13.92 0.63 -9.05
C PHE A 10 -13.94 0.32 -7.54
N THR A 11 -14.19 -0.92 -7.20
CA THR A 11 -14.25 -1.29 -5.75
C THR A 11 -12.98 -0.86 -5.02
N LEU A 12 -11.87 -1.47 -5.34
CA LEU A 12 -10.60 -1.10 -4.65
C LEU A 12 -9.39 -1.14 -5.61
N LYS A 13 -9.46 -1.86 -6.69
CA LYS A 13 -8.31 -1.91 -7.63
C LYS A 13 -7.89 -0.51 -8.08
N ASP A 14 -8.77 0.45 -7.94
CA ASP A 14 -8.43 1.85 -8.33
C ASP A 14 -7.51 2.49 -7.26
N ILE A 15 -7.44 1.91 -6.10
CA ILE A 15 -6.57 2.49 -5.03
C ILE A 15 -5.12 1.97 -5.13
N TYR A 16 -4.92 0.79 -5.65
CA TYR A 16 -3.52 0.25 -5.76
C TYR A 16 -2.71 1.02 -6.82
N LYS A 17 -3.27 1.22 -7.97
CA LYS A 17 -2.52 1.95 -9.05
C LYS A 17 -2.08 3.33 -8.54
N GLN A 18 -2.81 3.90 -7.64
CA GLN A 18 -2.45 5.24 -7.11
C GLN A 18 -1.07 5.25 -6.45
N ILE A 19 -0.62 4.14 -5.91
CA ILE A 19 0.70 4.15 -5.23
C ILE A 19 1.88 4.10 -6.22
N GLU A 20 1.93 3.17 -7.15
CA GLU A 20 3.09 3.16 -8.10
C GLU A 20 3.27 4.54 -8.75
N ALA A 21 2.22 5.31 -8.79
CA ALA A 21 2.32 6.67 -9.41
C ALA A 21 3.50 7.46 -8.82
N MET A 22 3.84 7.19 -7.59
CA MET A 22 4.98 7.92 -6.96
C MET A 22 6.32 7.42 -7.53
N ASN A 23 7.08 8.28 -8.13
CA ASN A 23 8.39 7.84 -8.71
C ASN A 23 9.55 8.38 -7.86
N LYS A 24 10.26 7.51 -7.19
CA LYS A 24 11.40 7.96 -6.35
C LYS A 24 12.43 8.71 -7.21
N MET A 25 12.60 8.30 -8.43
CA MET A 25 13.60 8.98 -9.31
C MET A 25 13.03 10.30 -9.84
N GLY A 26 13.82 11.34 -9.81
CA GLY A 26 13.33 12.66 -10.31
C GLY A 26 13.64 12.78 -11.82
N PRO A 27 13.04 13.76 -12.44
CA PRO A 27 13.26 13.97 -13.89
C PRO A 27 14.70 14.41 -14.17
N VAL A 28 15.31 15.11 -13.24
CA VAL A 28 16.71 15.56 -13.45
C VAL A 28 17.57 15.23 -12.22
N ARG A 29 18.86 15.09 -12.42
CA ARG A 29 19.77 14.77 -11.27
C ARG A 29 21.22 14.82 -11.74
N LYS A 30 21.52 15.69 -12.67
CA LYS A 30 22.91 15.79 -13.19
C LYS A 30 23.88 16.09 -12.04
N ILE A 31 23.46 16.86 -11.08
CA ILE A 31 24.35 17.19 -9.93
C ILE A 31 24.73 15.93 -9.15
N PHE A 32 25.81 15.98 -8.41
CA PHE A 32 26.24 14.78 -7.64
C PHE A 32 25.36 14.62 -6.39
N GLU A 33 25.20 13.42 -5.92
CA GLU A 33 24.35 13.20 -4.71
C GLU A 33 24.93 13.97 -3.51
N MET A 34 26.23 14.03 -3.41
CA MET A 34 26.87 14.76 -2.27
C MET A 34 26.20 14.39 -0.94
N LEU A 35 25.22 15.15 -0.51
CA LEU A 35 24.54 14.83 0.78
C LEU A 35 23.03 14.73 0.56
N PRO A 36 22.55 13.52 0.38
CA PRO A 36 21.10 13.30 0.15
C PRO A 36 20.30 13.57 1.42
N PHE A 37 19.63 14.69 1.48
CA PHE A 37 18.83 15.03 2.70
C PHE A 37 19.62 14.75 3.99
N GLY A 38 18.97 14.77 5.12
CA GLY A 38 19.70 14.51 6.40
C GLY A 38 20.31 13.11 6.36
N LEU A 39 21.50 13.00 5.82
CA LEU A 39 22.22 11.67 5.74
C LEU A 39 21.26 10.48 5.63
N GLY A 40 20.85 9.92 6.75
CA GLY A 40 19.92 8.76 6.69
C GLY A 40 20.72 7.46 6.63
N LEU A 41 21.71 7.41 5.80
CA LEU A 41 22.54 6.16 5.69
C LEU A 41 23.35 5.94 6.97
N LYS A 42 23.87 6.99 7.56
CA LYS A 42 24.70 6.82 8.80
C LYS A 42 24.24 7.76 9.92
N VAL A 43 24.98 7.80 11.00
CA VAL A 43 24.63 8.69 12.14
C VAL A 43 23.14 8.58 12.50
N ASP A 44 22.56 7.43 12.34
CA ASP A 44 21.11 7.27 12.70
C ASP A 44 20.78 5.79 12.98
N ASN A 45 20.01 5.14 12.14
CA ASN A 45 19.67 3.71 12.40
C ASN A 45 20.95 2.88 12.56
N ASP A 46 20.82 1.62 12.83
CA ASP A 46 22.03 0.75 13.00
C ASP A 46 21.91 -0.50 12.13
N VAL A 47 22.74 -0.62 11.13
CA VAL A 47 22.69 -1.82 10.24
C VAL A 47 21.29 -2.00 9.63
N MET A 48 20.40 -2.68 10.32
CA MET A 48 19.03 -2.88 9.77
C MET A 48 18.24 -1.56 9.80
N GLU A 49 17.41 -1.34 8.82
CA GLU A 49 16.62 -0.08 8.79
C GLU A 49 15.74 0.03 10.04
N MET A 50 15.74 1.17 10.68
CA MET A 50 14.92 1.35 11.90
C MET A 50 13.42 1.35 11.55
N THR A 51 13.07 1.93 10.44
CA THR A 51 11.62 1.98 10.06
C THR A 51 11.39 1.37 8.67
N GLN A 52 10.18 0.98 8.38
CA GLN A 52 9.89 0.38 7.05
C GLN A 52 8.74 1.12 6.37
N GLU A 53 8.76 1.23 5.07
CA GLU A 53 7.66 1.96 4.36
C GLU A 53 6.65 0.96 3.80
N LYS A 54 5.38 1.26 3.91
CA LYS A 54 4.34 0.33 3.38
C LYS A 54 4.10 0.59 1.89
N MET A 55 4.47 1.74 1.41
CA MET A 55 4.24 2.05 -0.03
C MET A 55 5.02 1.11 -0.93
N LYS A 56 6.24 0.80 -0.56
CA LYS A 56 7.05 -0.13 -1.40
C LYS A 56 6.39 -1.53 -1.43
N LYS A 57 5.90 -1.98 -0.31
CA LYS A 57 5.24 -3.32 -0.26
C LYS A 57 3.77 -3.21 -0.66
N PHE A 58 3.27 -2.03 -0.87
CA PHE A 58 1.83 -1.89 -1.28
C PHE A 58 1.64 -2.43 -2.69
N ARG A 59 2.38 -1.90 -3.63
CA ARG A 59 2.27 -2.34 -5.05
C ARG A 59 2.64 -3.83 -5.21
N VAL A 60 3.62 -4.30 -4.49
CA VAL A 60 4.03 -5.73 -4.65
C VAL A 60 2.85 -6.67 -4.39
N ILE A 61 2.25 -6.62 -3.24
CA ILE A 61 1.11 -7.52 -2.92
C ILE A 61 -0.04 -7.32 -3.92
N MET A 62 -0.07 -6.22 -4.59
CA MET A 62 -1.19 -5.96 -5.54
C MET A 62 -1.39 -7.14 -6.51
N ASP A 63 -0.33 -7.66 -7.06
CA ASP A 63 -0.48 -8.79 -8.03
C ASP A 63 -0.92 -10.08 -7.34
N SER A 64 -0.49 -10.32 -6.12
CA SER A 64 -0.90 -11.59 -5.43
C SER A 64 -2.15 -11.37 -4.59
N MET A 65 -2.36 -10.16 -4.14
CA MET A 65 -3.53 -9.86 -3.28
C MET A 65 -4.83 -10.49 -3.78
N THR A 66 -5.01 -10.64 -5.08
CA THR A 66 -6.28 -11.23 -5.65
C THR A 66 -7.32 -10.13 -5.83
N GLU A 67 -7.40 -9.66 -7.06
CA GLU A 67 -8.38 -8.61 -7.42
C GLU A 67 -9.78 -8.99 -6.95
N GLU A 68 -10.12 -10.24 -7.11
CA GLU A 68 -11.48 -10.71 -6.69
C GLU A 68 -11.72 -10.34 -5.24
N GLU A 69 -10.70 -10.51 -4.46
CA GLU A 69 -10.77 -10.16 -3.02
C GLU A 69 -10.91 -8.64 -2.86
N LEU A 70 -10.22 -7.88 -3.66
CA LEU A 70 -10.32 -6.40 -3.54
C LEU A 70 -11.75 -5.93 -3.76
N LEU A 71 -12.42 -6.48 -4.73
CA LEU A 71 -13.82 -6.06 -5.03
C LEU A 71 -14.84 -6.95 -4.32
N ASN A 72 -14.41 -7.75 -3.38
CA ASN A 72 -15.39 -8.64 -2.67
C ASN A 72 -14.86 -9.00 -1.28
N PRO A 73 -15.76 -9.40 -0.40
CA PRO A 73 -15.35 -9.78 0.97
C PRO A 73 -14.48 -11.05 0.92
N LYS A 74 -14.54 -11.77 -0.18
CA LYS A 74 -13.73 -13.02 -0.31
C LYS A 74 -12.30 -12.77 0.19
N ILE A 75 -11.87 -11.53 0.12
CA ILE A 75 -10.51 -11.20 0.61
C ILE A 75 -10.35 -11.71 2.04
N ILE A 76 -11.42 -11.80 2.76
CA ILE A 76 -11.37 -12.29 4.16
C ILE A 76 -10.75 -13.68 4.22
N ASP A 77 -10.84 -14.44 3.15
CA ASP A 77 -10.28 -15.83 3.17
C ASP A 77 -8.96 -15.89 3.95
N SER A 78 -9.01 -16.40 5.14
CA SER A 78 -7.77 -16.49 5.97
C SER A 78 -6.71 -17.22 5.18
N SER A 79 -7.12 -18.19 4.40
CA SER A 79 -6.14 -18.95 3.58
C SER A 79 -5.54 -18.07 2.49
N ARG A 80 -6.35 -17.39 1.72
CA ARG A 80 -5.78 -16.54 0.61
C ARG A 80 -4.87 -15.43 1.16
N ILE A 81 -5.34 -14.67 2.12
CA ILE A 81 -4.48 -13.57 2.65
C ILE A 81 -3.20 -14.16 3.23
N ARG A 82 -3.29 -15.31 3.85
CA ARG A 82 -2.07 -15.93 4.42
C ARG A 82 -1.01 -16.10 3.32
N ARG A 83 -1.39 -16.76 2.26
CA ARG A 83 -0.46 -16.99 1.12
C ARG A 83 0.05 -15.68 0.55
N ILE A 84 -0.81 -14.72 0.36
CA ILE A 84 -0.36 -13.45 -0.26
C ILE A 84 0.77 -12.84 0.57
N ALA A 85 0.58 -12.72 1.85
CA ALA A 85 1.65 -12.15 2.70
C ALA A 85 2.95 -12.91 2.47
N ILE A 86 2.88 -14.21 2.39
CA ILE A 86 4.11 -14.98 2.14
C ILE A 86 4.75 -14.55 0.82
N GLY A 87 3.95 -14.34 -0.19
CA GLY A 87 4.52 -13.91 -1.50
C GLY A 87 5.12 -12.52 -1.36
N SER A 88 4.45 -11.65 -0.65
CA SER A 88 4.98 -10.28 -0.45
C SER A 88 6.09 -10.28 0.61
N GLY A 89 6.07 -11.24 1.48
CA GLY A 89 7.11 -11.32 2.56
C GLY A 89 6.60 -10.62 3.82
N THR A 90 5.45 -10.01 3.78
CA THR A 90 4.93 -9.31 4.99
C THR A 90 4.07 -10.27 5.84
N SER A 91 2.80 -10.01 5.99
CA SER A 91 1.93 -10.90 6.81
C SER A 91 0.48 -10.44 6.69
N PRO A 92 -0.42 -11.28 7.10
CA PRO A 92 -1.87 -10.96 7.02
C PRO A 92 -2.17 -9.70 7.85
N GLN A 93 -1.53 -9.56 8.96
CA GLN A 93 -1.77 -8.36 9.80
C GLN A 93 -1.53 -7.08 9.00
N GLU A 94 -0.50 -7.04 8.19
CA GLU A 94 -0.19 -5.81 7.41
C GLU A 94 -1.26 -5.55 6.34
N VAL A 95 -1.88 -6.57 5.83
CA VAL A 95 -2.95 -6.32 4.81
C VAL A 95 -4.24 -6.02 5.55
N LYS A 96 -4.43 -6.60 6.71
CA LYS A 96 -5.66 -6.31 7.47
C LYS A 96 -5.66 -4.84 7.86
N GLU A 97 -4.55 -4.32 8.31
CA GLU A 97 -4.52 -2.88 8.66
C GLU A 97 -4.67 -2.08 7.36
N LEU A 98 -4.01 -2.50 6.32
CA LEU A 98 -4.13 -1.77 5.03
C LEU A 98 -5.59 -1.52 4.68
N LEU A 99 -6.44 -2.51 4.84
CA LEU A 99 -7.88 -2.25 4.51
C LEU A 99 -8.43 -1.35 5.61
N ASN A 100 -8.03 -1.63 6.82
CA ASN A 100 -8.47 -0.83 7.99
C ASN A 100 -8.20 0.64 7.75
N TYR A 101 -7.11 0.96 7.09
CA TYR A 101 -6.81 2.39 6.84
C TYR A 101 -7.84 2.96 5.86
N TYR A 102 -8.01 2.33 4.72
CA TYR A 102 -9.03 2.87 3.78
C TYR A 102 -10.39 2.92 4.48
N LYS A 103 -10.66 2.13 5.50
CA LYS A 103 -11.99 2.29 6.15
C LYS A 103 -12.03 3.76 6.62
N THR A 104 -10.91 4.22 7.12
CA THR A 104 -10.80 5.67 7.50
C THR A 104 -11.26 6.51 6.31
N MET A 105 -10.97 6.11 5.08
CA MET A 105 -11.45 6.90 3.89
C MET A 105 -12.90 7.34 4.11
N LYS A 106 -13.71 6.40 4.53
CA LYS A 106 -15.11 6.71 4.94
C LYS A 106 -15.11 7.81 5.99
N ASN A 107 -14.37 7.64 7.04
CA ASN A 107 -14.36 8.67 8.11
C ASN A 107 -13.90 10.02 7.56
N LEU A 108 -12.91 10.02 6.70
CA LEU A 108 -12.44 11.32 6.15
C LEU A 108 -13.38 11.80 5.06
N MET A 109 -13.93 10.91 4.29
CA MET A 109 -14.85 11.38 3.23
C MET A 109 -16.23 11.65 3.83
N LYS A 110 -16.58 11.05 4.95
CA LYS A 110 -17.89 11.42 5.55
C LYS A 110 -17.88 12.92 5.84
N LYS A 111 -16.75 13.41 6.30
CA LYS A 111 -16.65 14.87 6.62
C LYS A 111 -17.11 15.73 5.44
N MET A 112 -16.61 15.46 4.26
CA MET A 112 -17.02 16.27 3.08
C MET A 112 -18.52 16.12 2.80
N LYS A 113 -19.18 15.18 3.42
CA LYS A 113 -20.63 15.01 3.17
C LYS A 113 -21.41 15.23 4.48
N LYS A 114 -22.32 16.15 4.50
CA LYS A 114 -23.09 16.42 5.74
C LYS A 114 -24.36 15.54 5.78
N ASN A 115 -25.32 15.85 4.95
CA ASN A 115 -26.59 15.05 4.92
C ASN A 115 -27.36 15.20 6.24
N LYS A 116 -26.85 14.64 7.30
CA LYS A 116 -27.56 14.77 8.61
C LYS A 116 -27.54 16.23 9.05
N LEU A 117 -27.29 16.51 10.31
CA LEU A 117 -27.25 17.93 10.77
C LEU A 117 -28.61 18.61 10.53
N PRO A 118 -29.31 18.89 11.61
CA PRO A 118 -30.65 19.55 11.48
C PRO A 118 -30.47 21.01 11.05
N ILE A 119 -31.48 21.82 11.24
CA ILE A 119 -31.37 23.25 10.84
C ILE A 119 -31.26 24.14 12.09
N MET A 5 -21.15 -6.33 -1.06
CA MET A 5 -21.54 -6.01 -2.47
C MET A 5 -20.29 -5.70 -3.29
N GLU A 6 -20.25 -6.12 -4.52
CA GLU A 6 -19.06 -5.85 -5.38
C GLU A 6 -19.43 -4.87 -6.50
N LYS A 7 -18.46 -4.21 -7.08
CA LYS A 7 -18.77 -3.25 -8.18
C LYS A 7 -19.78 -2.21 -7.69
N GLY A 8 -19.53 -1.60 -6.57
CA GLY A 8 -20.49 -0.58 -6.06
C GLY A 8 -19.92 0.82 -6.25
N THR A 9 -19.04 1.22 -5.37
CA THR A 9 -18.43 2.57 -5.50
C THR A 9 -16.91 2.46 -5.42
N PHE A 10 -16.21 2.77 -6.49
CA PHE A 10 -14.72 2.67 -6.51
C PHE A 10 -14.24 1.46 -5.69
N THR A 11 -14.10 0.33 -6.33
CA THR A 11 -13.67 -0.89 -5.59
C THR A 11 -12.30 -0.69 -4.92
N LEU A 12 -11.32 -1.52 -5.17
CA LEU A 12 -10.01 -1.33 -4.50
C LEU A 12 -8.85 -1.39 -5.50
N LYS A 13 -9.14 -1.59 -6.76
CA LYS A 13 -8.03 -1.62 -7.76
C LYS A 13 -7.68 -0.19 -8.21
N ASP A 14 -8.49 0.77 -7.86
CA ASP A 14 -8.21 2.18 -8.26
C ASP A 14 -7.09 2.79 -7.41
N ILE A 15 -6.80 2.21 -6.27
CA ILE A 15 -5.71 2.77 -5.42
C ILE A 15 -4.36 2.14 -5.81
N TYR A 16 -4.39 0.98 -6.40
CA TYR A 16 -3.11 0.32 -6.81
C TYR A 16 -2.37 1.19 -7.81
N LYS A 17 -3.06 1.69 -8.79
CA LYS A 17 -2.41 2.55 -9.82
C LYS A 17 -1.90 3.85 -9.19
N GLN A 18 -2.60 4.34 -8.20
CA GLN A 18 -2.17 5.62 -7.54
C GLN A 18 -0.78 5.46 -6.91
N ILE A 19 -0.50 4.35 -6.29
CA ILE A 19 0.84 4.18 -5.67
C ILE A 19 1.86 3.73 -6.71
N GLU A 20 1.40 3.20 -7.83
CA GLU A 20 2.36 2.78 -8.89
C GLU A 20 3.33 3.91 -9.23
N ALA A 21 2.86 5.13 -9.18
CA ALA A 21 3.73 6.29 -9.52
C ALA A 21 4.95 6.35 -8.60
N MET A 22 4.80 5.99 -7.36
CA MET A 22 5.96 6.03 -6.41
C MET A 22 6.70 7.37 -6.54
N ASN A 23 7.92 7.45 -6.05
CA ASN A 23 8.69 8.72 -6.14
C ASN A 23 9.74 8.61 -7.25
N LYS A 24 9.38 8.04 -8.38
CA LYS A 24 10.37 7.90 -9.49
C LYS A 24 10.81 9.28 -9.99
N MET A 25 12.00 9.69 -9.64
CA MET A 25 12.49 11.01 -10.11
C MET A 25 12.65 11.00 -11.64
N GLY A 26 13.02 9.88 -12.18
CA GLY A 26 13.20 9.79 -13.66
C GLY A 26 14.43 8.93 -13.96
N PRO A 27 15.57 9.39 -13.50
CA PRO A 27 16.84 8.64 -13.72
C PRO A 27 16.85 7.37 -12.85
N VAL A 28 17.67 6.41 -13.19
CA VAL A 28 17.72 5.15 -12.39
C VAL A 28 19.16 4.86 -11.96
N ARG A 29 19.33 4.34 -10.77
CA ARG A 29 20.71 4.04 -10.29
C ARG A 29 21.05 2.57 -10.54
N LYS A 30 21.55 2.25 -11.71
CA LYS A 30 21.90 0.83 -12.01
C LYS A 30 23.10 0.39 -11.14
N ILE A 31 23.95 1.31 -10.78
CA ILE A 31 25.15 0.97 -9.95
C ILE A 31 26.04 -0.04 -10.68
N PHE A 32 27.32 0.03 -10.45
CA PHE A 32 28.26 -0.92 -11.12
C PHE A 32 29.55 -1.06 -10.32
N GLU A 33 30.04 0.02 -9.76
CA GLU A 33 31.30 -0.06 -8.95
C GLU A 33 30.97 -0.13 -7.46
N MET A 34 31.87 -0.65 -6.67
CA MET A 34 31.59 -0.74 -5.20
C MET A 34 31.90 0.59 -4.52
N LEU A 35 31.67 0.67 -3.22
CA LEU A 35 31.93 1.94 -2.48
C LEU A 35 31.05 3.07 -3.03
N PRO A 36 30.18 3.58 -2.18
CA PRO A 36 29.27 4.68 -2.61
C PRO A 36 30.08 5.95 -2.89
N PHE A 37 31.23 6.08 -2.29
CA PHE A 37 32.07 7.29 -2.51
C PHE A 37 31.23 8.56 -2.29
N GLY A 38 30.16 8.47 -1.54
CA GLY A 38 29.31 9.66 -1.29
C GLY A 38 29.72 10.33 0.03
N LEU A 39 30.80 9.91 0.62
CA LEU A 39 31.23 10.54 1.91
C LEU A 39 31.74 11.96 1.66
N GLY A 40 31.73 12.78 2.67
CA GLY A 40 32.20 14.19 2.51
C GLY A 40 31.06 15.14 2.83
N LEU A 41 30.12 15.29 1.93
CA LEU A 41 28.97 16.20 2.19
C LEU A 41 28.17 15.70 3.39
N LYS A 42 28.05 14.40 3.53
CA LYS A 42 27.29 13.84 4.69
C LYS A 42 27.47 12.31 4.76
N VAL A 43 27.29 11.74 5.92
CA VAL A 43 27.46 10.27 6.07
C VAL A 43 26.26 9.52 5.47
N ASP A 44 26.22 9.37 4.17
CA ASP A 44 25.07 8.64 3.55
C ASP A 44 25.32 7.12 3.59
N ASN A 45 24.65 6.43 4.46
CA ASN A 45 24.84 4.95 4.54
C ASN A 45 24.10 4.23 3.41
N ASP A 46 24.22 2.94 3.35
CA ASP A 46 23.53 2.17 2.29
C ASP A 46 22.02 2.10 2.58
N VAL A 47 21.31 1.25 1.89
CA VAL A 47 19.84 1.14 2.13
C VAL A 47 19.50 -0.17 2.87
N MET A 48 20.48 -0.85 3.38
CA MET A 48 20.20 -2.13 4.10
C MET A 48 19.26 -1.87 5.27
N GLU A 49 19.38 -0.73 5.91
CA GLU A 49 18.48 -0.43 7.06
C GLU A 49 18.52 1.05 7.43
N MET A 50 17.98 1.90 6.61
CA MET A 50 17.98 3.36 6.92
C MET A 50 16.57 3.81 7.32
N THR A 51 15.65 3.77 6.40
CA THR A 51 14.25 4.19 6.71
C THR A 51 13.24 3.18 6.15
N GLN A 52 12.04 3.19 6.64
CA GLN A 52 11.02 2.22 6.12
C GLN A 52 9.96 2.96 5.30
N GLU A 53 9.59 2.41 4.17
CA GLU A 53 8.56 3.07 3.32
C GLU A 53 7.37 2.12 3.11
N LYS A 54 6.17 2.58 3.35
CA LYS A 54 4.99 1.69 3.16
C LYS A 54 4.50 1.77 1.70
N MET A 55 4.75 2.85 1.02
CA MET A 55 4.28 2.95 -0.39
C MET A 55 4.99 1.92 -1.25
N LYS A 56 6.23 1.66 -0.98
CA LYS A 56 6.98 0.65 -1.78
C LYS A 56 6.38 -0.74 -1.55
N LYS A 57 6.09 -1.07 -0.31
CA LYS A 57 5.51 -2.41 -0.02
C LYS A 57 3.97 -2.40 -0.19
N PHE A 58 3.39 -1.27 -0.44
CA PHE A 58 1.91 -1.22 -0.62
C PHE A 58 1.52 -1.95 -1.90
N ARG A 59 1.98 -1.48 -3.02
CA ARG A 59 1.65 -2.12 -4.32
C ARG A 59 2.14 -3.58 -4.35
N VAL A 60 3.19 -3.88 -3.64
CA VAL A 60 3.74 -5.27 -3.67
C VAL A 60 2.66 -6.29 -3.27
N ILE A 61 2.08 -6.15 -2.11
CA ILE A 61 1.03 -7.13 -1.70
C ILE A 61 -0.18 -6.97 -2.60
N MET A 62 -0.67 -5.77 -2.72
CA MET A 62 -1.87 -5.52 -3.56
C MET A 62 -1.70 -6.17 -4.93
N ASP A 63 -0.51 -6.14 -5.48
CA ASP A 63 -0.31 -6.79 -6.81
C ASP A 63 -0.50 -8.30 -6.65
N SER A 64 -0.05 -8.83 -5.53
CA SER A 64 -0.20 -10.30 -5.30
C SER A 64 -1.68 -10.67 -5.25
N MET A 65 -2.39 -10.17 -4.25
CA MET A 65 -3.85 -10.48 -4.08
C MET A 65 -4.59 -10.73 -5.40
N THR A 66 -5.73 -11.36 -5.30
CA THR A 66 -6.54 -11.66 -6.51
C THR A 66 -7.50 -10.52 -6.82
N GLU A 67 -7.58 -10.13 -8.05
CA GLU A 67 -8.53 -9.04 -8.42
C GLU A 67 -9.91 -9.32 -7.82
N GLU A 68 -10.36 -10.54 -7.92
CA GLU A 68 -11.69 -10.92 -7.37
C GLU A 68 -11.77 -10.50 -5.90
N GLU A 69 -10.67 -10.66 -5.21
CA GLU A 69 -10.62 -10.25 -3.78
C GLU A 69 -10.74 -8.73 -3.67
N LEU A 70 -10.13 -8.02 -4.59
CA LEU A 70 -10.21 -6.52 -4.56
C LEU A 70 -11.66 -6.06 -4.70
N LEU A 71 -12.38 -6.67 -5.58
CA LEU A 71 -13.81 -6.27 -5.79
C LEU A 71 -14.57 -6.41 -4.46
N ASN A 72 -14.29 -7.45 -3.73
CA ASN A 72 -14.97 -7.64 -2.43
C ASN A 72 -13.95 -8.10 -1.37
N PRO A 73 -13.38 -7.14 -0.70
CA PRO A 73 -12.37 -7.45 0.35
C PRO A 73 -13.03 -8.17 1.52
N LYS A 74 -14.31 -8.00 1.69
CA LYS A 74 -15.00 -8.70 2.80
C LYS A 74 -14.90 -10.21 2.59
N ILE A 75 -14.89 -10.63 1.35
CA ILE A 75 -14.80 -12.09 1.05
C ILE A 75 -13.45 -12.68 1.48
N ILE A 76 -12.39 -11.91 1.40
CA ILE A 76 -11.06 -12.44 1.78
C ILE A 76 -11.12 -13.24 3.09
N ASP A 77 -10.72 -14.46 3.04
CA ASP A 77 -10.75 -15.32 4.26
C ASP A 77 -9.39 -15.31 4.96
N SER A 78 -9.35 -15.62 6.22
CA SER A 78 -8.05 -15.64 6.94
C SER A 78 -7.05 -16.56 6.24
N SER A 79 -7.52 -17.67 5.72
CA SER A 79 -6.60 -18.61 5.03
C SER A 79 -6.10 -18.02 3.71
N ARG A 80 -6.98 -17.49 2.90
CA ARG A 80 -6.53 -16.90 1.60
C ARG A 80 -5.56 -15.74 1.84
N ILE A 81 -5.88 -14.85 2.74
CA ILE A 81 -4.96 -13.70 2.99
C ILE A 81 -3.65 -14.19 3.60
N ARG A 82 -3.71 -15.22 4.42
CA ARG A 82 -2.46 -15.76 5.00
C ARG A 82 -1.50 -16.10 3.87
N ARG A 83 -1.95 -16.93 2.97
CA ARG A 83 -1.13 -17.33 1.81
C ARG A 83 -0.69 -16.09 1.02
N ILE A 84 -1.57 -15.16 0.84
CA ILE A 84 -1.23 -13.95 0.03
C ILE A 84 -0.01 -13.24 0.65
N ALA A 85 -0.01 -13.01 1.94
CA ALA A 85 1.15 -12.33 2.56
C ALA A 85 2.43 -13.06 2.20
N ILE A 86 2.40 -14.37 2.19
CA ILE A 86 3.62 -15.14 1.83
C ILE A 86 4.04 -14.78 0.40
N GLY A 87 3.10 -14.66 -0.49
CA GLY A 87 3.45 -14.31 -1.89
C GLY A 87 4.03 -12.89 -1.93
N SER A 88 3.47 -11.99 -1.16
CA SER A 88 3.99 -10.59 -1.17
C SER A 88 5.27 -10.49 -0.36
N GLY A 89 5.51 -11.44 0.51
CA GLY A 89 6.75 -11.40 1.33
C GLY A 89 6.54 -10.52 2.56
N THR A 90 5.48 -10.74 3.28
CA THR A 90 5.22 -9.91 4.50
C THR A 90 4.44 -10.75 5.53
N SER A 91 3.20 -10.43 5.79
CA SER A 91 2.42 -11.21 6.79
C SER A 91 0.98 -10.72 6.78
N PRO A 92 0.12 -11.47 7.39
CA PRO A 92 -1.31 -11.11 7.46
C PRO A 92 -1.48 -9.76 8.18
N GLN A 93 -0.73 -9.53 9.21
CA GLN A 93 -0.83 -8.25 9.95
C GLN A 93 -0.66 -7.06 9.01
N GLU A 94 0.29 -7.12 8.11
CA GLU A 94 0.52 -5.98 7.19
C GLU A 94 -0.62 -5.81 6.20
N VAL A 95 -1.28 -6.86 5.84
CA VAL A 95 -2.42 -6.71 4.90
C VAL A 95 -3.66 -6.34 5.71
N LYS A 96 -3.78 -6.84 6.90
CA LYS A 96 -4.95 -6.46 7.73
C LYS A 96 -4.87 -4.98 8.04
N GLU A 97 -3.69 -4.47 8.30
CA GLU A 97 -3.58 -3.01 8.57
C GLU A 97 -3.91 -2.25 7.28
N LEU A 98 -3.38 -2.64 6.15
CA LEU A 98 -3.70 -1.90 4.91
C LEU A 98 -5.22 -1.79 4.73
N LEU A 99 -5.97 -2.83 5.07
CA LEU A 99 -7.45 -2.71 4.90
C LEU A 99 -7.94 -1.70 5.95
N ASN A 100 -7.39 -1.82 7.13
CA ASN A 100 -7.75 -0.90 8.24
C ASN A 100 -7.64 0.55 7.78
N TYR A 101 -6.68 0.83 6.93
CA TYR A 101 -6.54 2.23 6.45
C TYR A 101 -7.75 2.61 5.61
N TYR A 102 -8.08 1.83 4.60
CA TYR A 102 -9.26 2.23 3.79
C TYR A 102 -10.49 2.34 4.71
N LYS A 103 -10.54 1.70 5.88
CA LYS A 103 -11.76 1.97 6.72
C LYS A 103 -11.71 3.49 7.00
N THR A 104 -10.51 4.03 7.13
CA THR A 104 -10.35 5.52 7.25
C THR A 104 -11.20 6.15 6.14
N MET A 105 -11.31 5.54 4.99
CA MET A 105 -12.20 6.13 3.92
C MET A 105 -13.56 6.44 4.58
N LYS A 106 -13.99 5.58 5.46
CA LYS A 106 -15.25 5.83 6.21
C LYS A 106 -15.15 7.24 6.82
N ASN A 107 -13.97 7.58 7.28
CA ASN A 107 -13.74 8.95 7.85
C ASN A 107 -14.28 9.97 6.85
N LEU A 108 -14.25 9.64 5.59
CA LEU A 108 -14.85 10.57 4.55
C LEU A 108 -16.22 11.01 5.05
N MET A 109 -16.94 10.04 5.55
CA MET A 109 -18.30 10.30 6.11
C MET A 109 -18.19 11.25 7.31
N LYS A 110 -17.13 11.17 8.06
CA LYS A 110 -16.92 12.15 9.16
C LYS A 110 -16.80 13.53 8.50
N LYS A 111 -15.98 13.58 7.47
CA LYS A 111 -15.75 14.83 6.70
C LYS A 111 -17.05 15.29 6.04
N MET A 112 -17.98 14.40 5.86
CA MET A 112 -19.27 14.78 5.22
C MET A 112 -20.23 13.59 5.22
N LYS A 113 -21.15 13.55 6.14
CA LYS A 113 -22.10 12.41 6.19
C LYS A 113 -23.35 12.73 5.34
N LYS A 114 -23.33 12.35 4.10
CA LYS A 114 -24.50 12.64 3.21
C LYS A 114 -25.76 11.93 3.72
N ASN A 115 -25.64 10.69 4.10
CA ASN A 115 -26.84 9.96 4.61
C ASN A 115 -27.39 10.60 5.89
N LYS A 116 -26.52 10.92 6.81
CA LYS A 116 -26.97 11.55 8.09
C LYS A 116 -28.22 10.85 8.64
N LEU A 117 -28.35 9.58 8.38
CA LEU A 117 -29.56 8.84 8.88
C LEU A 117 -29.41 8.54 10.38
N PRO A 118 -30.47 8.79 11.13
CA PRO A 118 -30.44 8.52 12.58
C PRO A 118 -30.66 7.02 12.85
N ILE A 119 -29.82 6.19 12.30
CA ILE A 119 -29.98 4.72 12.51
C ILE A 119 -28.69 3.98 12.11
N MET A 5 -23.30 2.01 -0.71
CA MET A 5 -24.28 2.07 -1.84
C MET A 5 -23.61 1.64 -3.14
N GLU A 6 -22.49 2.22 -3.48
CA GLU A 6 -21.80 1.83 -4.74
C GLU A 6 -21.46 0.34 -4.71
N LYS A 7 -21.58 -0.34 -5.82
CA LYS A 7 -21.24 -1.79 -5.85
C LYS A 7 -20.54 -2.14 -7.16
N GLY A 8 -19.28 -2.47 -7.11
CA GLY A 8 -18.56 -2.83 -8.36
C GLY A 8 -18.20 -1.56 -9.16
N THR A 9 -18.39 -0.41 -8.59
CA THR A 9 -18.05 0.84 -9.32
C THR A 9 -16.52 1.00 -9.41
N PHE A 10 -15.96 2.00 -8.78
CA PHE A 10 -14.48 2.16 -8.83
C PHE A 10 -13.81 1.09 -7.95
N THR A 11 -14.58 0.38 -7.16
CA THR A 11 -14.00 -0.68 -6.27
C THR A 11 -12.71 -0.18 -5.60
N LEU A 12 -11.59 -0.85 -5.77
CA LEU A 12 -10.34 -0.38 -5.12
C LEU A 12 -9.13 -0.48 -6.06
N LYS A 13 -9.31 -0.98 -7.25
CA LYS A 13 -8.16 -1.08 -8.20
C LYS A 13 -7.81 0.30 -8.77
N ASP A 14 -8.69 1.26 -8.60
CA ASP A 14 -8.40 2.64 -9.10
C ASP A 14 -7.42 3.33 -8.13
N ILE A 15 -7.34 2.84 -6.93
CA ILE A 15 -6.42 3.45 -5.93
C ILE A 15 -5.02 2.81 -6.01
N TYR A 16 -4.97 1.52 -6.20
CA TYR A 16 -3.65 0.82 -6.28
C TYR A 16 -2.83 1.31 -7.48
N LYS A 17 -3.46 1.52 -8.60
CA LYS A 17 -2.70 1.99 -9.80
C LYS A 17 -1.98 3.30 -9.48
N GLN A 18 -2.58 4.11 -8.64
CA GLN A 18 -1.94 5.41 -8.28
C GLN A 18 -0.56 5.17 -7.65
N ILE A 19 -0.36 4.05 -7.02
CA ILE A 19 0.99 3.78 -6.44
C ILE A 19 1.92 3.18 -7.49
N GLU A 20 1.37 2.71 -8.59
CA GLU A 20 2.22 2.12 -9.66
C GLU A 20 3.38 3.05 -10.02
N ALA A 21 3.16 4.33 -9.97
CA ALA A 21 4.26 5.29 -10.31
C ALA A 21 5.51 4.99 -9.48
N MET A 22 5.42 5.14 -8.19
CA MET A 22 6.61 4.86 -7.32
C MET A 22 7.87 5.53 -7.90
N ASN A 23 8.71 4.80 -8.59
CA ASN A 23 9.93 5.42 -9.17
C ASN A 23 9.85 5.44 -10.71
N LYS A 24 8.76 4.98 -11.28
CA LYS A 24 8.62 4.97 -12.77
C LYS A 24 9.86 4.36 -13.43
N MET A 25 9.82 3.10 -13.74
CA MET A 25 10.99 2.45 -14.38
C MET A 25 11.08 2.83 -15.86
N GLY A 26 12.23 3.28 -16.29
CA GLY A 26 12.39 3.67 -17.72
C GLY A 26 13.67 4.49 -17.88
N PRO A 27 13.76 5.57 -17.13
CA PRO A 27 14.96 6.45 -17.21
C PRO A 27 16.15 5.78 -16.53
N VAL A 28 17.35 6.21 -16.83
CA VAL A 28 18.56 5.59 -16.22
C VAL A 28 19.05 6.45 -15.05
N ARG A 29 19.47 5.82 -13.98
CA ARG A 29 19.97 6.60 -12.80
C ARG A 29 21.01 7.64 -13.23
N LYS A 30 21.12 8.72 -12.51
CA LYS A 30 22.10 9.77 -12.88
C LYS A 30 23.52 9.37 -12.48
N ILE A 31 23.69 8.21 -11.89
CA ILE A 31 25.05 7.78 -11.48
C ILE A 31 25.56 6.68 -12.42
N PHE A 32 26.77 6.81 -12.91
CA PHE A 32 27.30 5.78 -13.83
C PHE A 32 28.18 4.76 -13.08
N GLU A 33 28.22 4.85 -11.77
CA GLU A 33 29.05 3.88 -11.00
C GLU A 33 28.21 2.66 -10.62
N MET A 34 28.79 1.48 -10.68
CA MET A 34 28.01 0.27 -10.33
C MET A 34 27.78 0.17 -8.82
N LEU A 35 26.61 0.52 -8.36
CA LEU A 35 26.33 0.44 -6.90
C LEU A 35 25.50 -0.81 -6.60
N PRO A 36 25.76 -1.41 -5.47
CA PRO A 36 25.02 -2.64 -5.08
C PRO A 36 23.58 -2.29 -4.69
N PHE A 37 23.42 -1.39 -3.75
CA PHE A 37 22.05 -0.99 -3.31
C PHE A 37 22.09 0.40 -2.67
N GLY A 38 21.41 1.35 -3.24
CA GLY A 38 21.41 2.73 -2.66
C GLY A 38 22.85 3.27 -2.62
N LEU A 39 23.55 2.99 -1.55
CA LEU A 39 24.97 3.47 -1.40
C LEU A 39 25.20 4.84 -2.05
N GLY A 40 24.51 5.85 -1.58
CA GLY A 40 24.69 7.21 -2.16
C GLY A 40 25.77 7.96 -1.37
N LEU A 41 25.52 8.19 -0.10
CA LEU A 41 26.52 8.91 0.74
C LEU A 41 27.41 7.89 1.46
N LYS A 42 27.55 6.71 0.91
CA LYS A 42 28.38 5.64 1.55
C LYS A 42 27.80 5.27 2.92
N VAL A 43 26.50 5.23 3.02
CA VAL A 43 25.86 4.86 4.31
C VAL A 43 25.97 3.34 4.52
N ASP A 44 25.84 2.87 5.73
CA ASP A 44 25.95 1.40 5.95
C ASP A 44 25.15 0.99 7.20
N ASN A 45 23.85 1.08 7.15
CA ASN A 45 23.04 0.69 8.33
C ASN A 45 22.09 -0.46 7.99
N ASP A 46 22.14 -1.52 8.74
CA ASP A 46 21.26 -2.70 8.46
C ASP A 46 19.82 -2.26 8.24
N VAL A 47 19.34 -1.29 8.98
CA VAL A 47 17.94 -0.84 8.79
C VAL A 47 17.86 0.69 8.72
N MET A 48 17.06 1.20 7.82
CA MET A 48 16.92 2.68 7.70
C MET A 48 15.44 3.08 7.79
N GLU A 49 15.05 3.76 8.83
CA GLU A 49 13.62 4.15 8.97
C GLU A 49 13.22 5.18 7.91
N MET A 50 14.10 6.07 7.57
CA MET A 50 13.77 7.12 6.55
C MET A 50 13.43 6.48 5.19
N THR A 51 14.10 5.40 4.86
CA THR A 51 13.84 4.75 3.55
C THR A 51 12.67 3.75 3.65
N GLN A 52 12.72 2.66 2.93
CA GLN A 52 11.62 1.64 2.97
C GLN A 52 10.35 2.20 2.34
N GLU A 53 9.70 3.13 3.00
CA GLU A 53 8.45 3.74 2.45
C GLU A 53 7.37 2.66 2.22
N LYS A 54 6.22 2.84 2.79
CA LYS A 54 5.12 1.84 2.61
C LYS A 54 4.78 1.69 1.12
N MET A 55 4.99 2.71 0.34
CA MET A 55 4.65 2.62 -1.11
C MET A 55 5.51 1.57 -1.81
N LYS A 56 6.74 1.44 -1.41
CA LYS A 56 7.63 0.43 -2.06
C LYS A 56 7.04 -0.98 -1.90
N LYS A 57 6.61 -1.31 -0.72
CA LYS A 57 6.02 -2.66 -0.49
C LYS A 57 4.52 -2.68 -0.82
N PHE A 58 3.94 -1.55 -1.11
CA PHE A 58 2.49 -1.53 -1.45
C PHE A 58 2.25 -2.20 -2.80
N ARG A 59 2.89 -1.71 -3.83
CA ARG A 59 2.72 -2.29 -5.19
C ARG A 59 3.01 -3.79 -5.20
N VAL A 60 3.97 -4.23 -4.42
CA VAL A 60 4.33 -5.67 -4.42
C VAL A 60 3.11 -6.53 -4.05
N ILE A 61 2.43 -6.21 -2.99
CA ILE A 61 1.26 -7.03 -2.56
C ILE A 61 0.19 -7.04 -3.65
N MET A 62 0.21 -6.10 -4.53
CA MET A 62 -0.83 -6.03 -5.58
C MET A 62 -0.98 -7.39 -6.30
N ASP A 63 0.08 -7.94 -6.79
CA ASP A 63 -0.04 -9.26 -7.48
C ASP A 63 -0.35 -10.38 -6.49
N SER A 64 0.21 -10.34 -5.31
CA SER A 64 -0.07 -11.40 -4.31
C SER A 64 -1.57 -11.38 -3.94
N MET A 65 -2.19 -10.25 -4.10
CA MET A 65 -3.64 -10.13 -3.80
C MET A 65 -4.43 -10.48 -5.06
N THR A 66 -5.70 -10.74 -4.93
CA THR A 66 -6.50 -11.11 -6.13
C THR A 66 -7.44 -9.97 -6.52
N GLU A 67 -7.50 -9.65 -7.78
CA GLU A 67 -8.44 -8.57 -8.21
C GLU A 67 -9.82 -8.86 -7.63
N GLU A 68 -10.20 -10.10 -7.66
CA GLU A 68 -11.51 -10.53 -7.11
C GLU A 68 -11.67 -10.03 -5.68
N GLU A 69 -10.58 -10.05 -4.95
CA GLU A 69 -10.60 -9.55 -3.55
C GLU A 69 -10.86 -8.05 -3.54
N LEU A 70 -10.23 -7.32 -4.43
CA LEU A 70 -10.45 -5.84 -4.47
C LEU A 70 -11.90 -5.53 -4.82
N LEU A 71 -12.43 -6.22 -5.78
CA LEU A 71 -13.83 -5.97 -6.20
C LEU A 71 -14.81 -6.25 -5.07
N ASN A 72 -14.60 -7.30 -4.33
CA ASN A 72 -15.54 -7.60 -3.21
C ASN A 72 -14.88 -8.46 -2.12
N PRO A 73 -15.24 -8.19 -0.89
CA PRO A 73 -14.69 -8.96 0.25
C PRO A 73 -15.41 -10.30 0.37
N LYS A 74 -16.44 -10.52 -0.40
CA LYS A 74 -17.19 -11.82 -0.33
C LYS A 74 -16.18 -12.97 -0.44
N ILE A 75 -15.06 -12.71 -1.07
CA ILE A 75 -14.00 -13.74 -1.22
C ILE A 75 -13.82 -14.50 0.13
N ILE A 76 -13.37 -13.75 1.10
CA ILE A 76 -13.12 -14.28 2.48
C ILE A 76 -12.34 -15.58 2.50
N ASP A 77 -11.19 -15.53 3.08
CA ASP A 77 -10.35 -16.73 3.25
C ASP A 77 -9.08 -16.31 3.98
N SER A 78 -9.12 -16.32 5.28
CA SER A 78 -7.95 -15.89 6.09
C SER A 78 -6.69 -16.59 5.57
N SER A 79 -6.83 -17.81 5.14
CA SER A 79 -5.65 -18.51 4.60
C SER A 79 -5.18 -17.78 3.33
N ARG A 80 -6.10 -17.38 2.50
CA ARG A 80 -5.71 -16.65 1.25
C ARG A 80 -5.00 -15.34 1.59
N ILE A 81 -5.54 -14.55 2.48
CA ILE A 81 -4.82 -13.28 2.83
C ILE A 81 -3.54 -13.62 3.55
N ARG A 82 -3.58 -14.58 4.44
CA ARG A 82 -2.33 -15.01 5.14
C ARG A 82 -1.31 -15.35 4.07
N ARG A 83 -1.75 -16.13 3.12
CA ARG A 83 -0.89 -16.55 2.00
C ARG A 83 -0.32 -15.33 1.29
N ILE A 84 -1.09 -14.28 1.16
CA ILE A 84 -0.57 -13.11 0.42
C ILE A 84 0.75 -12.65 1.06
N ALA A 85 0.77 -12.43 2.34
CA ALA A 85 2.06 -12.04 3.01
C ALA A 85 3.14 -13.04 2.62
N ILE A 86 2.80 -14.29 2.56
CA ILE A 86 3.82 -15.29 2.16
C ILE A 86 4.31 -14.96 0.76
N GLY A 87 3.40 -14.59 -0.12
CA GLY A 87 3.80 -14.21 -1.51
C GLY A 87 3.84 -12.68 -1.62
N SER A 88 3.88 -12.01 -0.51
CA SER A 88 3.96 -10.53 -0.52
C SER A 88 4.71 -10.08 0.74
N GLY A 89 5.58 -10.93 1.22
CA GLY A 89 6.33 -10.59 2.47
C GLY A 89 5.32 -10.14 3.55
N THR A 90 5.62 -9.08 4.20
CA THR A 90 4.70 -8.54 5.25
C THR A 90 4.15 -9.65 6.16
N SER A 91 2.85 -9.76 6.27
CA SER A 91 2.24 -10.81 7.13
C SER A 91 0.72 -10.68 7.04
N PRO A 92 0.03 -11.61 7.61
CA PRO A 92 -1.45 -11.55 7.60
C PRO A 92 -1.89 -10.28 8.31
N GLN A 93 -1.27 -9.99 9.42
CA GLN A 93 -1.62 -8.75 10.18
C GLN A 93 -1.50 -7.51 9.30
N GLU A 94 -0.44 -7.43 8.54
CA GLU A 94 -0.22 -6.24 7.69
C GLU A 94 -1.25 -6.12 6.58
N VAL A 95 -1.84 -7.20 6.18
CA VAL A 95 -2.88 -7.10 5.12
C VAL A 95 -4.20 -6.73 5.78
N LYS A 96 -4.46 -7.25 6.95
CA LYS A 96 -5.72 -6.90 7.65
C LYS A 96 -5.68 -5.43 8.07
N GLU A 97 -4.54 -4.95 8.50
CA GLU A 97 -4.47 -3.52 8.91
C GLU A 97 -4.65 -2.61 7.70
N LEU A 98 -4.16 -2.93 6.53
CA LEU A 98 -4.39 -2.02 5.38
C LEU A 98 -5.89 -1.91 5.08
N LEU A 99 -6.67 -2.94 5.36
CA LEU A 99 -8.13 -2.81 5.09
C LEU A 99 -8.71 -1.83 6.10
N ASN A 100 -8.21 -1.91 7.30
CA ASN A 100 -8.66 -1.01 8.40
C ASN A 100 -8.55 0.44 7.98
N TYR A 101 -7.55 0.77 7.20
CA TYR A 101 -7.40 2.18 6.77
C TYR A 101 -8.56 2.57 5.86
N TYR A 102 -8.83 1.79 4.83
CA TYR A 102 -9.97 2.18 3.95
C TYR A 102 -11.27 2.23 4.76
N LYS A 103 -11.42 1.50 5.84
CA LYS A 103 -12.68 1.70 6.60
C LYS A 103 -12.60 3.10 7.18
N THR A 104 -11.44 3.46 7.67
CA THR A 104 -11.23 4.83 8.21
C THR A 104 -11.55 5.82 7.08
N MET A 105 -11.54 5.41 5.82
CA MET A 105 -11.98 6.37 4.75
C MET A 105 -13.29 6.99 5.22
N LYS A 106 -14.26 6.13 5.43
CA LYS A 106 -15.58 6.59 5.96
C LYS A 106 -15.36 7.52 7.15
N ASN A 107 -14.46 7.18 8.03
CA ASN A 107 -14.21 8.11 9.18
C ASN A 107 -13.72 9.45 8.61
N LEU A 108 -12.91 9.40 7.59
CA LEU A 108 -12.39 10.68 7.00
C LEU A 108 -13.57 11.61 6.74
N MET A 109 -14.62 11.11 6.14
CA MET A 109 -15.82 11.99 5.94
C MET A 109 -16.41 12.28 7.32
N LYS A 110 -16.37 11.27 8.16
CA LYS A 110 -16.87 11.43 9.55
C LYS A 110 -16.16 12.65 10.15
N LYS A 111 -14.87 12.56 10.29
CA LYS A 111 -14.10 13.72 10.85
C LYS A 111 -14.36 14.98 10.02
N MET A 112 -14.53 14.83 8.73
CA MET A 112 -14.79 16.03 7.87
C MET A 112 -16.14 16.66 8.24
N LYS A 113 -16.19 17.96 8.30
CA LYS A 113 -17.48 18.64 8.64
C LYS A 113 -17.74 19.80 7.68
N LYS A 114 -18.97 19.96 7.25
CA LYS A 114 -19.29 21.08 6.31
C LYS A 114 -20.67 21.67 6.62
N ASN A 115 -20.92 22.87 6.19
CA ASN A 115 -22.25 23.51 6.45
C ASN A 115 -22.54 23.57 7.95
N LYS A 116 -21.59 24.03 8.73
CA LYS A 116 -21.82 24.14 10.20
C LYS A 116 -22.42 25.51 10.54
N LEU A 117 -23.39 25.94 9.79
CA LEU A 117 -24.03 27.27 10.05
C LEU A 117 -22.95 28.35 10.27
N PRO A 118 -22.11 28.53 9.28
CA PRO A 118 -21.04 29.54 9.38
C PRO A 118 -21.62 30.94 9.20
N ILE A 119 -21.73 31.70 10.26
CA ILE A 119 -22.29 33.08 10.14
C ILE A 119 -21.37 34.09 10.84
N MET A 5 -23.72 2.27 -5.43
CA MET A 5 -22.90 2.83 -6.54
C MET A 5 -21.57 2.08 -6.64
N GLU A 6 -20.66 2.33 -5.74
CA GLU A 6 -19.35 1.62 -5.78
C GLU A 6 -19.56 0.11 -5.70
N LYS A 7 -20.67 -0.32 -5.15
CA LYS A 7 -20.93 -1.79 -5.02
C LYS A 7 -20.64 -2.53 -6.33
N GLY A 8 -19.48 -3.11 -6.44
CA GLY A 8 -19.13 -3.87 -7.69
C GLY A 8 -18.40 -2.95 -8.69
N THR A 9 -18.25 -1.69 -8.38
CA THR A 9 -17.55 -0.78 -9.32
C THR A 9 -16.42 -0.05 -8.58
N PHE A 10 -15.27 0.06 -9.20
CA PHE A 10 -14.11 0.75 -8.55
C PHE A 10 -14.00 0.33 -7.08
N THR A 11 -14.27 -0.91 -6.79
CA THR A 11 -14.19 -1.41 -5.37
C THR A 11 -12.94 -0.90 -4.68
N LEU A 12 -11.83 -1.54 -4.92
CA LEU A 12 -10.56 -1.11 -4.25
C LEU A 12 -9.38 -1.11 -5.24
N LYS A 13 -9.55 -1.65 -6.42
CA LYS A 13 -8.43 -1.67 -7.39
C LYS A 13 -8.12 -0.25 -7.89
N ASP A 14 -9.01 0.68 -7.66
CA ASP A 14 -8.77 2.08 -8.10
C ASP A 14 -7.77 2.75 -7.15
N ILE A 15 -7.64 2.25 -5.95
CA ILE A 15 -6.68 2.86 -4.98
C ILE A 15 -5.28 2.27 -5.14
N TYR A 16 -5.17 0.99 -5.41
CA TYR A 16 -3.82 0.37 -5.56
C TYR A 16 -3.06 0.96 -6.74
N LYS A 17 -3.70 1.14 -7.86
CA LYS A 17 -2.99 1.71 -9.05
C LYS A 17 -2.41 3.09 -8.71
N GLN A 18 -3.05 3.82 -7.84
CA GLN A 18 -2.55 5.17 -7.47
C GLN A 18 -1.14 5.11 -6.86
N ILE A 19 -0.80 4.01 -6.23
CA ILE A 19 0.56 3.91 -5.61
C ILE A 19 1.61 3.53 -6.67
N GLU A 20 1.21 3.01 -7.79
CA GLU A 20 2.22 2.65 -8.84
C GLU A 20 3.14 3.84 -9.14
N ALA A 21 2.67 5.03 -8.89
CA ALA A 21 3.49 6.25 -9.19
C ALA A 21 4.96 6.07 -8.76
N MET A 22 5.22 5.24 -7.80
CA MET A 22 6.65 5.05 -7.37
C MET A 22 7.40 4.17 -8.37
N ASN A 23 8.65 4.46 -8.61
CA ASN A 23 9.44 3.65 -9.57
C ASN A 23 10.81 3.30 -8.96
N LYS A 24 10.80 2.69 -7.81
CA LYS A 24 12.10 2.33 -7.16
C LYS A 24 12.25 0.81 -7.09
N MET A 25 13.33 0.28 -7.61
CA MET A 25 13.53 -1.19 -7.57
C MET A 25 14.77 -1.55 -6.73
N GLY A 26 15.81 -0.79 -6.86
CA GLY A 26 17.05 -1.09 -6.07
C GLY A 26 17.61 0.22 -5.51
N PRO A 27 18.15 0.14 -4.31
CA PRO A 27 18.73 1.35 -3.67
C PRO A 27 20.03 1.76 -4.37
N VAL A 28 20.83 0.80 -4.77
CA VAL A 28 22.12 1.15 -5.44
C VAL A 28 22.34 0.25 -6.67
N ARG A 29 22.91 0.78 -7.71
CA ARG A 29 23.16 -0.03 -8.93
C ARG A 29 24.51 0.36 -9.56
N LYS A 30 24.75 1.64 -9.71
CA LYS A 30 26.03 2.10 -10.31
C LYS A 30 27.23 1.62 -9.49
N ILE A 31 27.10 1.57 -8.19
CA ILE A 31 28.26 1.13 -7.36
C ILE A 31 27.93 -0.12 -6.53
N PHE A 32 28.70 -1.16 -6.69
CA PHE A 32 28.47 -2.40 -5.90
C PHE A 32 29.67 -2.64 -4.98
N GLU A 33 29.46 -2.66 -3.69
CA GLU A 33 30.60 -2.89 -2.76
C GLU A 33 30.18 -3.80 -1.60
N MET A 34 31.11 -4.46 -0.98
CA MET A 34 30.78 -5.35 0.16
C MET A 34 29.71 -6.38 -0.24
N LEU A 35 29.47 -7.34 0.60
CA LEU A 35 28.45 -8.38 0.27
C LEU A 35 27.84 -8.94 1.56
N PRO A 36 26.54 -9.16 1.53
CA PRO A 36 25.84 -9.68 2.72
C PRO A 36 25.91 -11.22 2.79
N PHE A 37 26.83 -11.82 2.08
CA PHE A 37 26.93 -13.31 2.12
C PHE A 37 27.68 -13.79 3.37
N GLY A 38 27.99 -12.90 4.27
CA GLY A 38 28.71 -13.32 5.51
C GLY A 38 30.14 -12.79 5.49
N LEU A 39 30.66 -12.49 4.31
CA LEU A 39 32.06 -11.97 4.16
C LEU A 39 33.00 -12.45 5.29
N GLY A 40 33.03 -13.73 5.52
CA GLY A 40 33.90 -14.26 6.62
C GLY A 40 33.29 -13.83 7.95
N LEU A 41 33.49 -12.60 8.35
CA LEU A 41 32.89 -12.12 9.63
C LEU A 41 31.71 -11.20 9.33
N LYS A 42 30.57 -11.45 9.91
CA LYS A 42 29.39 -10.59 9.64
C LYS A 42 28.75 -10.09 10.94
N VAL A 43 28.57 -8.80 11.05
CA VAL A 43 27.96 -8.22 12.29
C VAL A 43 27.50 -6.79 12.02
N ASP A 44 26.39 -6.38 12.56
CA ASP A 44 25.91 -4.98 12.31
C ASP A 44 25.84 -4.72 10.79
N ASN A 45 24.96 -5.42 10.12
CA ASN A 45 24.83 -5.20 8.65
C ASN A 45 23.37 -5.36 8.20
N ASP A 46 22.92 -4.52 7.30
CA ASP A 46 21.52 -4.61 6.81
C ASP A 46 20.51 -4.61 7.98
N VAL A 47 20.00 -3.46 8.33
CA VAL A 47 19.02 -3.38 9.44
C VAL A 47 17.70 -2.78 8.95
N MET A 48 16.59 -3.39 9.27
CA MET A 48 15.27 -2.85 8.82
C MET A 48 14.22 -3.04 9.91
N GLU A 49 14.15 -2.12 10.85
CA GLU A 49 13.15 -2.27 11.94
C GLU A 49 11.99 -1.28 11.76
N MET A 50 12.28 -0.06 11.41
CA MET A 50 11.20 0.96 11.25
C MET A 50 10.19 0.52 10.18
N THR A 51 10.67 -0.07 9.11
CA THR A 51 9.75 -0.54 8.01
C THR A 51 8.61 0.46 7.76
N GLN A 52 8.93 1.72 7.66
CA GLN A 52 7.87 2.75 7.42
C GLN A 52 7.56 2.90 5.92
N GLU A 53 8.28 2.20 5.08
CA GLU A 53 8.01 2.32 3.61
C GLU A 53 6.77 1.53 3.20
N LYS A 54 5.64 1.84 3.80
CA LYS A 54 4.39 1.10 3.46
C LYS A 54 4.10 1.20 1.94
N MET A 55 4.37 2.32 1.35
CA MET A 55 4.09 2.46 -0.11
C MET A 55 4.98 1.53 -0.93
N LYS A 56 6.19 1.32 -0.50
CA LYS A 56 7.11 0.42 -1.26
C LYS A 56 6.51 -1.00 -1.36
N LYS A 57 6.10 -1.55 -0.26
CA LYS A 57 5.52 -2.92 -0.30
C LYS A 57 4.18 -2.89 -1.03
N PHE A 58 3.53 -1.76 -1.03
CA PHE A 58 2.20 -1.66 -1.69
C PHE A 58 2.32 -2.01 -3.18
N ARG A 59 3.27 -1.45 -3.89
CA ARG A 59 3.43 -1.79 -5.33
C ARG A 59 3.68 -3.30 -5.48
N VAL A 60 4.49 -3.86 -4.64
CA VAL A 60 4.78 -5.33 -4.74
C VAL A 60 3.55 -6.16 -4.36
N ILE A 61 2.97 -5.92 -3.22
CA ILE A 61 1.78 -6.71 -2.79
C ILE A 61 0.68 -6.72 -3.84
N MET A 62 0.68 -5.80 -4.76
CA MET A 62 -0.40 -5.79 -5.79
C MET A 62 -0.53 -7.17 -6.42
N ASP A 63 0.56 -7.74 -6.87
CA ASP A 63 0.49 -9.10 -7.47
C ASP A 63 0.25 -10.16 -6.39
N SER A 64 0.81 -9.96 -5.22
CA SER A 64 0.63 -10.96 -4.12
C SER A 64 -0.85 -11.00 -3.70
N MET A 65 -1.54 -9.92 -3.90
CA MET A 65 -2.99 -9.87 -3.53
C MET A 65 -3.82 -10.33 -4.72
N THR A 66 -5.06 -10.63 -4.50
CA THR A 66 -5.90 -11.13 -5.63
C THR A 66 -6.92 -10.06 -6.05
N GLU A 67 -7.00 -9.78 -7.32
CA GLU A 67 -8.02 -8.79 -7.79
C GLU A 67 -9.40 -9.18 -7.20
N GLU A 68 -9.67 -10.46 -7.19
CA GLU A 68 -10.96 -10.98 -6.65
C GLU A 68 -11.17 -10.48 -5.21
N GLU A 69 -10.10 -10.43 -4.47
CA GLU A 69 -10.18 -9.95 -3.07
C GLU A 69 -10.65 -8.48 -3.06
N LEU A 70 -10.05 -7.69 -3.91
CA LEU A 70 -10.40 -6.23 -3.94
C LEU A 70 -11.87 -5.97 -4.28
N LEU A 71 -12.44 -6.70 -5.19
CA LEU A 71 -13.87 -6.41 -5.57
C LEU A 71 -14.89 -7.24 -4.77
N ASN A 72 -14.48 -8.18 -3.96
CA ASN A 72 -15.50 -8.96 -3.18
C ASN A 72 -14.89 -9.65 -1.96
N PRO A 73 -15.71 -9.84 -0.95
CA PRO A 73 -15.26 -10.50 0.28
C PRO A 73 -15.31 -12.02 0.13
N LYS A 74 -15.95 -12.53 -0.90
CA LYS A 74 -15.99 -14.00 -1.10
C LYS A 74 -14.56 -14.54 -1.10
N ILE A 75 -13.62 -13.69 -1.42
CA ILE A 75 -12.20 -14.10 -1.45
C ILE A 75 -11.74 -14.68 -0.10
N ILE A 76 -12.47 -14.42 0.95
CA ILE A 76 -12.08 -14.91 2.31
C ILE A 76 -10.86 -14.17 2.82
N ASP A 77 -10.81 -13.93 4.11
CA ASP A 77 -9.68 -13.17 4.71
C ASP A 77 -8.56 -14.09 5.19
N SER A 78 -8.79 -14.77 6.28
CA SER A 78 -7.73 -15.64 6.88
C SER A 78 -7.16 -16.66 5.89
N SER A 79 -7.91 -17.06 4.90
CA SER A 79 -7.36 -18.08 3.95
C SER A 79 -6.63 -17.42 2.78
N ARG A 80 -7.35 -16.76 1.92
CA ARG A 80 -6.71 -16.13 0.72
C ARG A 80 -5.71 -15.02 1.11
N ILE A 81 -6.06 -14.15 2.02
CA ILE A 81 -5.11 -13.03 2.38
C ILE A 81 -3.87 -13.58 3.11
N ARG A 82 -4.03 -14.56 3.95
CA ARG A 82 -2.83 -15.13 4.63
C ARG A 82 -1.80 -15.51 3.59
N ARG A 83 -2.23 -16.31 2.65
CA ARG A 83 -1.34 -16.72 1.55
C ARG A 83 -0.83 -15.49 0.82
N ILE A 84 -1.68 -14.53 0.62
CA ILE A 84 -1.25 -13.32 -0.12
C ILE A 84 -0.05 -12.67 0.57
N ALA A 85 -0.15 -12.44 1.85
CA ALA A 85 1.01 -11.85 2.58
C ALA A 85 2.25 -12.72 2.31
N ILE A 86 2.07 -14.01 2.34
CA ILE A 86 3.22 -14.91 2.06
C ILE A 86 3.74 -14.64 0.66
N GLY A 87 2.85 -14.45 -0.29
CA GLY A 87 3.32 -14.15 -1.68
C GLY A 87 4.09 -12.84 -1.67
N SER A 88 3.62 -11.88 -0.93
CA SER A 88 4.34 -10.58 -0.86
C SER A 88 5.55 -10.71 0.07
N GLY A 89 5.52 -11.68 0.95
CA GLY A 89 6.67 -11.87 1.89
C GLY A 89 6.43 -11.11 3.20
N THR A 90 5.31 -10.44 3.34
CA THR A 90 5.05 -9.69 4.60
C THR A 90 4.31 -10.58 5.62
N SER A 91 3.04 -10.34 5.85
CA SER A 91 2.28 -11.15 6.83
C SER A 91 0.81 -10.73 6.79
N PRO A 92 -0.02 -11.53 7.39
CA PRO A 92 -1.48 -11.21 7.42
C PRO A 92 -1.71 -9.89 8.15
N GLN A 93 -0.99 -9.66 9.21
CA GLN A 93 -1.16 -8.38 9.95
C GLN A 93 -0.95 -7.18 9.02
N GLU A 94 0.03 -7.25 8.16
CA GLU A 94 0.32 -6.11 7.24
C GLU A 94 -0.79 -5.92 6.22
N VAL A 95 -1.46 -6.97 5.83
CA VAL A 95 -2.58 -6.79 4.86
C VAL A 95 -3.82 -6.38 5.64
N LYS A 96 -3.92 -6.82 6.87
CA LYS A 96 -5.10 -6.42 7.69
C LYS A 96 -5.09 -4.91 7.82
N GLU A 97 -3.94 -4.31 8.03
CA GLU A 97 -3.90 -2.83 8.12
C GLU A 97 -4.31 -2.26 6.76
N LEU A 98 -3.84 -2.82 5.67
CA LEU A 98 -4.23 -2.27 4.35
C LEU A 98 -5.76 -2.15 4.25
N LEU A 99 -6.49 -3.14 4.69
CA LEU A 99 -7.96 -3.00 4.58
C LEU A 99 -8.37 -1.92 5.58
N ASN A 100 -7.77 -1.99 6.74
CA ASN A 100 -8.04 -0.99 7.80
C ASN A 100 -7.80 0.39 7.21
N TYR A 101 -6.99 0.51 6.18
CA TYR A 101 -6.79 1.85 5.59
C TYR A 101 -8.15 2.37 5.13
N TYR A 102 -8.88 1.59 4.36
CA TYR A 102 -10.24 2.05 3.97
C TYR A 102 -11.07 2.32 5.24
N LYS A 103 -10.74 1.79 6.40
CA LYS A 103 -11.48 2.24 7.63
C LYS A 103 -11.39 3.78 7.63
N THR A 104 -10.17 4.26 7.50
CA THR A 104 -9.94 5.74 7.44
C THR A 104 -10.95 6.33 6.45
N MET A 105 -11.17 5.65 5.35
CA MET A 105 -12.16 6.18 4.37
C MET A 105 -13.47 6.48 5.09
N LYS A 106 -13.84 5.69 6.08
CA LYS A 106 -15.09 6.01 6.82
C LYS A 106 -15.00 7.48 7.26
N ASN A 107 -13.81 7.93 7.56
CA ASN A 107 -13.64 9.38 7.95
C ASN A 107 -14.25 10.23 6.84
N LEU A 108 -14.14 9.78 5.62
CA LEU A 108 -14.77 10.52 4.47
C LEU A 108 -16.20 10.88 4.87
N MET A 109 -16.80 9.99 5.60
CA MET A 109 -18.20 10.23 6.10
C MET A 109 -18.31 11.61 6.73
N LYS A 110 -17.22 12.13 7.24
CA LYS A 110 -17.28 13.52 7.78
C LYS A 110 -17.71 14.48 6.67
N LYS A 111 -17.33 14.18 5.46
CA LYS A 111 -17.69 15.05 4.29
C LYS A 111 -19.08 14.70 3.76
N MET A 112 -19.28 13.46 3.34
CA MET A 112 -20.60 13.02 2.76
C MET A 112 -21.37 14.16 2.08
N LYS A 113 -21.28 14.25 0.79
CA LYS A 113 -22.00 15.33 0.05
C LYS A 113 -21.74 16.68 0.69
N LYS A 114 -22.38 17.72 0.20
CA LYS A 114 -22.18 19.07 0.78
C LYS A 114 -23.52 19.63 1.29
N ASN A 115 -23.75 20.91 1.14
CA ASN A 115 -25.03 21.50 1.64
C ASN A 115 -25.18 21.25 3.14
N LYS A 116 -24.12 21.40 3.88
CA LYS A 116 -24.19 21.17 5.35
C LYS A 116 -23.55 22.34 6.09
N LEU A 117 -24.21 22.88 7.09
CA LEU A 117 -23.62 24.02 7.84
C LEU A 117 -22.57 23.53 8.85
N PRO A 118 -21.34 23.94 8.65
CA PRO A 118 -20.26 23.52 9.58
C PRO A 118 -20.46 24.21 10.95
N ILE A 119 -20.96 25.41 10.94
CA ILE A 119 -21.18 26.13 12.22
C ILE A 119 -22.57 26.77 12.25
N MET A 5 -14.99 -7.29 -12.19
CA MET A 5 -16.28 -6.61 -12.50
C MET A 5 -16.37 -5.28 -11.74
N GLU A 6 -15.53 -5.07 -10.76
CA GLU A 6 -15.59 -3.79 -9.99
C GLU A 6 -17.01 -3.49 -9.54
N LYS A 7 -17.55 -4.29 -8.65
CA LYS A 7 -18.95 -4.05 -8.18
C LYS A 7 -19.05 -2.65 -7.57
N GLY A 8 -18.01 -2.19 -6.92
CA GLY A 8 -18.07 -0.83 -6.30
C GLY A 8 -17.48 0.19 -7.28
N THR A 9 -17.64 -0.05 -8.56
CA THR A 9 -17.08 0.89 -9.57
C THR A 9 -15.60 1.17 -9.28
N PHE A 10 -15.30 2.21 -8.53
CA PHE A 10 -13.87 2.50 -8.22
C PHE A 10 -13.36 1.52 -7.15
N THR A 11 -13.29 0.26 -7.49
CA THR A 11 -12.78 -0.75 -6.51
C THR A 11 -11.38 -0.36 -6.04
N LEU A 12 -10.71 -1.24 -5.35
CA LEU A 12 -9.35 -0.88 -4.85
C LEU A 12 -8.27 -1.20 -5.89
N LYS A 13 -8.63 -1.83 -6.97
CA LYS A 13 -7.60 -2.11 -8.03
C LYS A 13 -7.06 -0.77 -8.57
N ASP A 14 -7.77 0.31 -8.32
CA ASP A 14 -7.31 1.67 -8.74
C ASP A 14 -6.19 2.16 -7.81
N ILE A 15 -6.02 1.51 -6.69
CA ILE A 15 -4.95 1.92 -5.74
C ILE A 15 -3.55 1.57 -6.28
N TYR A 16 -3.42 0.49 -6.99
CA TYR A 16 -2.08 0.10 -7.52
C TYR A 16 -1.49 1.21 -8.38
N LYS A 17 -2.28 1.77 -9.26
CA LYS A 17 -1.77 2.86 -10.13
C LYS A 17 -1.35 4.07 -9.30
N GLN A 18 -2.05 4.33 -8.22
CA GLN A 18 -1.71 5.51 -7.37
C GLN A 18 -0.30 5.43 -6.81
N ILE A 19 0.12 4.30 -6.30
CA ILE A 19 1.49 4.22 -5.72
C ILE A 19 2.57 4.03 -6.80
N GLU A 20 2.28 3.34 -7.87
CA GLU A 20 3.32 3.16 -8.93
C GLU A 20 3.94 4.51 -9.33
N ALA A 21 3.17 5.56 -9.29
CA ALA A 21 3.69 6.89 -9.70
C ALA A 21 4.94 7.27 -8.89
N MET A 22 4.97 6.96 -7.61
CA MET A 22 6.17 7.32 -6.80
C MET A 22 6.75 6.08 -6.12
N ASN A 23 8.05 5.94 -6.17
CA ASN A 23 8.71 4.77 -5.52
C ASN A 23 10.10 5.16 -5.01
N LYS A 24 11.11 5.02 -5.82
CA LYS A 24 12.48 5.39 -5.38
C LYS A 24 13.23 6.08 -6.51
N MET A 25 13.84 7.21 -6.25
CA MET A 25 14.58 7.94 -7.32
C MET A 25 13.70 8.10 -8.57
N GLY A 26 12.92 9.14 -8.61
CA GLY A 26 12.04 9.36 -9.80
C GLY A 26 12.90 9.61 -11.04
N PRO A 27 13.48 10.78 -11.11
CA PRO A 27 14.34 11.15 -12.27
C PRO A 27 15.64 10.35 -12.27
N VAL A 28 15.98 9.75 -13.38
CA VAL A 28 17.24 8.96 -13.43
C VAL A 28 18.46 9.88 -13.31
N ARG A 29 18.38 11.07 -13.85
CA ARG A 29 19.53 12.01 -13.76
C ARG A 29 19.82 12.38 -12.30
N LYS A 30 21.06 12.64 -11.97
CA LYS A 30 21.40 12.99 -10.57
C LYS A 30 22.35 14.20 -10.54
N ILE A 31 21.97 15.28 -11.16
CA ILE A 31 22.86 16.47 -11.16
C ILE A 31 22.14 17.67 -10.53
N PHE A 32 22.76 18.31 -9.57
CA PHE A 32 22.12 19.48 -8.90
C PHE A 32 22.99 20.74 -9.06
N GLU A 33 24.09 20.65 -9.76
CA GLU A 33 24.96 21.85 -9.93
C GLU A 33 25.25 22.51 -8.57
N MET A 34 25.46 21.72 -7.56
CA MET A 34 25.75 22.30 -6.21
C MET A 34 27.17 21.95 -5.77
N LEU A 35 27.79 22.80 -5.01
CA LEU A 35 29.19 22.53 -4.55
C LEU A 35 29.17 22.01 -3.10
N PRO A 36 29.46 20.74 -2.94
CA PRO A 36 29.48 20.14 -1.58
C PRO A 36 30.74 20.55 -0.81
N PHE A 37 31.60 21.34 -1.41
CA PHE A 37 32.84 21.78 -0.70
C PHE A 37 33.65 20.56 -0.22
N GLY A 38 33.67 19.52 -1.00
CA GLY A 38 34.44 18.30 -0.60
C GLY A 38 33.50 17.26 0.01
N LEU A 39 32.32 17.67 0.41
CA LEU A 39 31.32 16.71 1.02
C LEU A 39 31.68 16.40 2.48
N GLY A 40 32.89 15.96 2.71
CA GLY A 40 33.30 15.63 4.11
C GLY A 40 33.38 14.12 4.26
N LEU A 41 33.98 13.44 3.31
CA LEU A 41 34.11 11.96 3.39
C LEU A 41 32.73 11.31 3.57
N LYS A 42 31.69 12.00 3.17
CA LYS A 42 30.32 11.43 3.32
C LYS A 42 29.82 10.90 1.98
N VAL A 43 30.06 11.63 0.92
CA VAL A 43 29.60 11.24 -0.47
C VAL A 43 28.24 10.54 -0.46
N ASP A 44 28.19 9.25 -0.18
CA ASP A 44 26.88 8.55 -0.17
C ASP A 44 26.15 8.84 1.15
N ASN A 45 24.84 8.84 1.14
CA ASN A 45 24.08 9.11 2.39
C ASN A 45 22.75 8.35 2.37
N ASP A 46 21.98 8.47 3.42
CA ASP A 46 20.65 7.77 3.48
C ASP A 46 20.84 6.25 3.40
N VAL A 47 20.15 5.52 4.21
CA VAL A 47 20.28 4.03 4.17
C VAL A 47 18.89 3.40 4.03
N MET A 48 18.84 2.19 3.52
CA MET A 48 17.51 1.53 3.35
C MET A 48 17.12 0.78 4.62
N GLU A 49 16.17 1.29 5.36
CA GLU A 49 15.73 0.61 6.61
C GLU A 49 14.52 1.33 7.21
N MET A 50 14.72 2.49 7.78
CA MET A 50 13.58 3.24 8.36
C MET A 50 13.13 4.38 7.43
N THR A 51 13.91 4.69 6.43
CA THR A 51 13.52 5.79 5.50
C THR A 51 12.14 5.52 4.89
N GLN A 52 11.91 4.34 4.40
CA GLN A 52 10.58 4.03 3.79
C GLN A 52 10.47 2.53 3.49
N GLU A 53 9.28 2.02 3.36
CA GLU A 53 9.11 0.56 3.06
C GLU A 53 7.63 0.21 2.82
N LYS A 54 6.74 0.80 3.57
CA LYS A 54 5.29 0.47 3.38
C LYS A 54 4.84 0.78 1.96
N MET A 55 5.21 1.92 1.42
CA MET A 55 4.79 2.26 0.05
C MET A 55 5.39 1.29 -0.96
N LYS A 56 6.62 0.93 -0.76
CA LYS A 56 7.29 -0.02 -1.70
C LYS A 56 6.56 -1.37 -1.70
N LYS A 57 6.10 -1.81 -0.57
CA LYS A 57 5.38 -3.11 -0.51
C LYS A 57 3.89 -2.95 -0.83
N PHE A 58 3.44 -1.74 -1.07
CA PHE A 58 2.00 -1.52 -1.38
C PHE A 58 1.65 -2.14 -2.74
N ARG A 59 2.22 -1.62 -3.80
CA ARG A 59 1.92 -2.13 -5.16
C ARG A 59 2.28 -3.62 -5.31
N VAL A 60 3.32 -4.06 -4.66
CA VAL A 60 3.73 -5.48 -4.81
C VAL A 60 2.58 -6.42 -4.41
N ILE A 61 2.04 -6.27 -3.23
CA ILE A 61 0.93 -7.17 -2.79
C ILE A 61 -0.23 -7.18 -3.76
N MET A 62 -0.33 -6.18 -4.60
CA MET A 62 -1.47 -6.15 -5.56
C MET A 62 -1.59 -7.48 -6.32
N ASP A 63 -0.51 -7.98 -6.86
CA ASP A 63 -0.61 -9.27 -7.58
C ASP A 63 -0.80 -10.40 -6.58
N SER A 64 -0.19 -10.32 -5.42
CA SER A 64 -0.38 -11.39 -4.40
C SER A 64 -1.85 -11.45 -4.00
N MET A 65 -2.52 -10.33 -4.09
CA MET A 65 -3.97 -10.27 -3.76
C MET A 65 -4.78 -10.45 -5.04
N THR A 66 -5.97 -10.96 -4.92
CA THR A 66 -6.81 -11.16 -6.13
C THR A 66 -7.70 -9.95 -6.36
N GLU A 67 -7.73 -9.44 -7.55
CA GLU A 67 -8.62 -8.26 -7.84
C GLU A 67 -10.01 -8.53 -7.26
N GLU A 68 -10.50 -9.73 -7.44
CA GLU A 68 -11.84 -10.10 -6.92
C GLU A 68 -11.93 -9.80 -5.42
N GLU A 69 -10.84 -10.06 -4.75
CA GLU A 69 -10.78 -9.79 -3.28
C GLU A 69 -10.81 -8.29 -3.00
N LEU A 70 -10.09 -7.53 -3.79
CA LEU A 70 -10.04 -6.05 -3.55
C LEU A 70 -11.44 -5.44 -3.57
N LEU A 71 -12.28 -5.88 -4.45
CA LEU A 71 -13.65 -5.30 -4.51
C LEU A 71 -14.45 -5.68 -3.25
N ASN A 72 -14.19 -6.82 -2.65
CA ASN A 72 -14.92 -7.21 -1.42
C ASN A 72 -14.02 -8.08 -0.54
N PRO A 73 -12.97 -7.49 -0.03
CA PRO A 73 -12.00 -8.23 0.83
C PRO A 73 -12.66 -8.68 2.13
N LYS A 74 -13.76 -8.07 2.49
CA LYS A 74 -14.45 -8.50 3.74
C LYS A 74 -14.82 -9.98 3.62
N ILE A 75 -14.97 -10.44 2.41
CA ILE A 75 -15.34 -11.87 2.17
C ILE A 75 -14.29 -12.82 2.77
N ILE A 76 -13.10 -12.37 3.03
CA ILE A 76 -12.07 -13.26 3.62
C ILE A 76 -11.07 -12.45 4.43
N ASP A 77 -10.10 -13.10 5.02
CA ASP A 77 -9.08 -12.36 5.79
C ASP A 77 -7.95 -13.29 6.25
N SER A 78 -8.11 -13.91 7.37
CA SER A 78 -7.02 -14.80 7.92
C SER A 78 -6.61 -15.90 6.94
N SER A 79 -7.51 -16.44 6.15
CA SER A 79 -7.11 -17.55 5.24
C SER A 79 -6.50 -17.05 3.92
N ARG A 80 -7.28 -16.37 3.13
CA ARG A 80 -6.77 -15.87 1.81
C ARG A 80 -5.57 -14.94 1.98
N ILE A 81 -5.63 -13.98 2.87
CA ILE A 81 -4.47 -13.05 3.03
C ILE A 81 -3.25 -13.83 3.53
N ARG A 82 -3.45 -14.91 4.22
CA ARG A 82 -2.28 -15.71 4.70
C ARG A 82 -1.38 -16.04 3.52
N ARG A 83 -1.91 -16.79 2.58
CA ARG A 83 -1.12 -17.15 1.38
C ARG A 83 -0.64 -15.87 0.70
N ILE A 84 -1.50 -14.89 0.59
CA ILE A 84 -1.11 -13.64 -0.11
C ILE A 84 0.14 -13.04 0.55
N ALA A 85 0.13 -12.88 1.84
CA ALA A 85 1.31 -12.32 2.54
C ALA A 85 2.57 -13.08 2.14
N ILE A 86 2.46 -14.38 2.06
CA ILE A 86 3.63 -15.20 1.66
C ILE A 86 4.08 -14.77 0.26
N GLY A 87 3.16 -14.54 -0.64
CA GLY A 87 3.54 -14.12 -2.00
C GLY A 87 4.19 -12.74 -1.94
N SER A 88 3.65 -11.86 -1.15
CA SER A 88 4.24 -10.50 -1.03
C SER A 88 5.48 -10.53 -0.13
N GLY A 89 5.59 -11.53 0.71
CA GLY A 89 6.78 -11.62 1.60
C GLY A 89 6.51 -10.88 2.92
N THR A 90 5.42 -10.18 3.02
CA THR A 90 5.12 -9.45 4.29
C THR A 90 4.33 -10.36 5.26
N SER A 91 3.09 -10.05 5.53
CA SER A 91 2.31 -10.88 6.46
C SER A 91 0.86 -10.37 6.49
N PRO A 92 -0.01 -11.18 7.03
CA PRO A 92 -1.44 -10.80 7.11
C PRO A 92 -1.62 -9.53 7.94
N GLN A 93 -0.85 -9.38 8.99
CA GLN A 93 -0.96 -8.16 9.83
C GLN A 93 -0.82 -6.89 9.00
N GLU A 94 0.11 -6.88 8.08
CA GLU A 94 0.31 -5.66 7.25
C GLU A 94 -0.85 -5.45 6.28
N VAL A 95 -1.49 -6.51 5.87
CA VAL A 95 -2.66 -6.33 4.97
C VAL A 95 -3.88 -6.03 5.83
N LYS A 96 -3.91 -6.55 7.03
CA LYS A 96 -5.05 -6.27 7.93
C LYS A 96 -5.13 -4.77 8.21
N GLU A 97 -4.01 -4.15 8.48
CA GLU A 97 -4.05 -2.67 8.72
C GLU A 97 -4.46 -2.00 7.41
N LEU A 98 -3.92 -2.48 6.31
CA LEU A 98 -4.27 -1.86 5.00
C LEU A 98 -5.79 -1.80 4.84
N LEU A 99 -6.49 -2.87 5.15
CA LEU A 99 -7.98 -2.80 5.01
C LEU A 99 -8.52 -1.86 6.08
N ASN A 100 -8.01 -2.02 7.27
CA ASN A 100 -8.42 -1.15 8.41
C ASN A 100 -8.31 0.31 8.02
N TYR A 101 -7.35 0.67 7.21
CA TYR A 101 -7.22 2.08 6.81
C TYR A 101 -8.40 2.49 5.95
N TYR A 102 -8.66 1.79 4.88
CA TYR A 102 -9.82 2.19 4.05
C TYR A 102 -11.09 2.17 4.92
N LYS A 103 -11.15 1.42 6.01
CA LYS A 103 -12.43 1.53 6.80
C LYS A 103 -12.54 3.03 7.18
N THR A 104 -11.41 3.63 7.48
CA THR A 104 -11.38 5.10 7.74
C THR A 104 -12.12 5.79 6.59
N MET A 105 -11.96 5.33 5.36
CA MET A 105 -12.73 5.96 4.22
C MET A 105 -14.18 6.18 4.64
N LYS A 106 -14.72 5.16 5.25
CA LYS A 106 -16.10 5.24 5.83
C LYS A 106 -16.21 6.44 6.74
N ASN A 107 -15.37 6.52 7.73
CA ASN A 107 -15.45 7.65 8.69
C ASN A 107 -15.22 8.97 7.98
N LEU A 108 -14.37 9.02 7.00
CA LEU A 108 -14.13 10.32 6.32
C LEU A 108 -15.23 10.57 5.29
N MET A 109 -15.80 9.52 4.74
CA MET A 109 -16.87 9.76 3.76
C MET A 109 -18.20 9.90 4.49
N LYS A 110 -18.29 9.43 5.70
CA LYS A 110 -19.55 9.65 6.47
C LYS A 110 -19.79 11.16 6.56
N LYS A 111 -18.73 11.90 6.81
CA LYS A 111 -18.87 13.38 6.92
C LYS A 111 -19.52 13.96 5.66
N MET A 112 -18.89 13.78 4.52
CA MET A 112 -19.41 14.30 3.20
C MET A 112 -20.38 15.50 3.36
N LYS A 113 -21.36 15.63 2.50
CA LYS A 113 -22.29 16.80 2.60
C LYS A 113 -23.63 16.41 3.26
N LYS A 114 -23.77 15.18 3.66
CA LYS A 114 -25.06 14.74 4.29
C LYS A 114 -25.39 15.61 5.51
N ASN A 115 -24.39 16.10 6.19
CA ASN A 115 -24.64 16.96 7.39
C ASN A 115 -25.57 16.23 8.38
N LYS A 116 -26.17 16.97 9.28
CA LYS A 116 -27.08 16.35 10.28
C LYS A 116 -28.52 16.31 9.75
N LEU A 117 -28.72 15.77 8.57
CA LEU A 117 -30.09 15.72 8.01
C LEU A 117 -30.91 14.60 8.66
N PRO A 118 -30.39 13.39 8.61
CA PRO A 118 -31.13 12.24 9.21
C PRO A 118 -31.12 12.31 10.73
N ILE A 119 -30.20 13.03 11.31
CA ILE A 119 -30.15 13.13 12.80
C ILE A 119 -29.98 14.59 13.23
N MET A 5 -22.36 1.14 -6.60
CA MET A 5 -22.81 2.04 -5.50
C MET A 5 -22.80 1.30 -4.16
N GLU A 6 -23.61 0.29 -4.04
CA GLU A 6 -23.65 -0.48 -2.76
C GLU A 6 -22.31 -1.17 -2.51
N LYS A 7 -21.62 -1.55 -3.56
CA LYS A 7 -20.31 -2.22 -3.38
C LYS A 7 -19.26 -1.20 -2.93
N GLY A 8 -18.07 -1.63 -2.60
CA GLY A 8 -17.04 -0.67 -2.15
C GLY A 8 -16.83 0.40 -3.21
N THR A 9 -17.41 1.56 -3.03
CA THR A 9 -17.23 2.64 -4.04
C THR A 9 -15.74 2.85 -4.28
N PHE A 10 -15.32 2.63 -5.50
CA PHE A 10 -13.88 2.76 -5.91
C PHE A 10 -13.10 1.50 -5.51
N THR A 11 -13.75 0.57 -4.84
CA THR A 11 -13.07 -0.71 -4.43
C THR A 11 -11.63 -0.42 -3.94
N LEU A 12 -10.71 -1.32 -4.21
CA LEU A 12 -9.30 -1.06 -3.82
C LEU A 12 -8.48 -0.72 -5.08
N LYS A 13 -9.00 -1.08 -6.23
CA LYS A 13 -8.30 -0.78 -7.52
C LYS A 13 -7.97 0.70 -7.66
N ASP A 14 -8.67 1.56 -6.97
CA ASP A 14 -8.38 3.01 -7.10
C ASP A 14 -7.06 3.36 -6.41
N ILE A 15 -6.70 2.65 -5.38
CA ILE A 15 -5.43 2.94 -4.65
C ILE A 15 -4.23 2.24 -5.31
N TYR A 16 -4.44 1.09 -5.87
CA TYR A 16 -3.29 0.35 -6.49
C TYR A 16 -2.63 1.15 -7.61
N LYS A 17 -3.38 1.67 -8.54
CA LYS A 17 -2.77 2.44 -9.66
C LYS A 17 -2.06 3.69 -9.14
N GLN A 18 -2.56 4.28 -8.09
CA GLN A 18 -1.93 5.51 -7.54
C GLN A 18 -0.47 5.27 -7.12
N ILE A 19 -0.17 4.14 -6.55
CA ILE A 19 1.25 3.90 -6.13
C ILE A 19 2.08 3.33 -7.29
N GLU A 20 1.46 2.81 -8.31
CA GLU A 20 2.25 2.25 -9.45
C GLU A 20 3.24 3.30 -9.99
N ALA A 21 2.81 4.53 -10.05
CA ALA A 21 3.70 5.61 -10.59
C ALA A 21 4.93 5.81 -9.71
N MET A 22 4.82 5.58 -8.43
CA MET A 22 5.98 5.79 -7.53
C MET A 22 6.58 7.18 -7.75
N ASN A 23 7.80 7.39 -7.34
CA ASN A 23 8.42 8.74 -7.53
C ASN A 23 9.52 8.68 -8.60
N LYS A 24 9.45 9.54 -9.58
CA LYS A 24 10.50 9.53 -10.65
C LYS A 24 11.39 10.77 -10.51
N MET A 25 12.59 10.59 -10.02
CA MET A 25 13.51 11.76 -9.86
C MET A 25 14.67 11.65 -10.85
N GLY A 26 15.11 10.44 -11.13
CA GLY A 26 16.24 10.27 -12.08
C GLY A 26 16.03 8.98 -12.91
N PRO A 27 15.45 9.13 -14.07
CA PRO A 27 15.20 7.96 -14.95
C PRO A 27 16.52 7.40 -15.48
N VAL A 28 17.56 8.20 -15.48
CA VAL A 28 18.87 7.71 -15.99
C VAL A 28 19.42 6.62 -15.06
N ARG A 29 20.05 5.63 -15.62
CA ARG A 29 20.62 4.53 -14.77
C ARG A 29 22.13 4.47 -14.92
N LYS A 30 22.83 4.05 -13.90
CA LYS A 30 24.31 3.98 -13.98
C LYS A 30 24.75 2.66 -14.62
N ILE A 31 24.66 2.55 -15.91
CA ILE A 31 25.08 1.28 -16.58
C ILE A 31 26.12 1.60 -17.67
N PHE A 32 26.92 0.63 -18.05
CA PHE A 32 27.95 0.87 -19.10
C PHE A 32 28.71 2.18 -18.84
N GLU A 33 29.31 2.75 -19.85
CA GLU A 33 30.07 4.02 -19.68
C GLU A 33 31.23 3.83 -18.70
N MET A 34 32.37 4.39 -19.00
CA MET A 34 33.54 4.23 -18.09
C MET A 34 33.55 5.34 -17.03
N LEU A 35 33.78 4.98 -15.80
CA LEU A 35 33.81 6.00 -14.72
C LEU A 35 34.24 5.35 -13.39
N PRO A 36 33.47 4.39 -12.93
CA PRO A 36 33.81 3.70 -11.66
C PRO A 36 35.00 2.77 -11.87
N PHE A 37 36.19 3.31 -11.98
CA PHE A 37 37.40 2.46 -12.19
C PHE A 37 37.87 1.89 -10.85
N GLY A 38 38.17 0.62 -10.81
CA GLY A 38 38.64 -0.01 -9.54
C GLY A 38 37.49 -0.70 -8.82
N LEU A 39 36.28 -0.56 -9.32
CA LEU A 39 35.08 -1.20 -8.67
C LEU A 39 35.23 -1.34 -7.14
N GLY A 40 35.76 -2.44 -6.67
CA GLY A 40 35.91 -2.61 -5.19
C GLY A 40 34.56 -2.97 -4.59
N LEU A 41 34.42 -2.82 -3.30
CA LEU A 41 33.12 -3.15 -2.65
C LEU A 41 32.26 -1.89 -2.59
N LYS A 42 31.25 -1.80 -3.41
CA LYS A 42 30.37 -0.60 -3.42
C LYS A 42 31.20 0.68 -3.62
N VAL A 43 30.57 1.76 -4.01
CA VAL A 43 31.33 3.02 -4.24
C VAL A 43 30.41 4.26 -4.23
N ASP A 44 29.12 4.09 -4.13
CA ASP A 44 28.21 5.27 -4.12
C ASP A 44 28.14 5.84 -2.70
N ASN A 45 27.86 7.12 -2.56
CA ASN A 45 27.75 7.69 -1.19
C ASN A 45 26.32 8.20 -0.97
N ASP A 46 25.73 7.93 0.16
CA ASP A 46 24.33 8.40 0.39
C ASP A 46 24.01 8.49 1.88
N VAL A 47 22.93 9.14 2.21
CA VAL A 47 22.54 9.27 3.65
C VAL A 47 21.33 8.38 3.94
N MET A 48 21.33 7.68 5.05
CA MET A 48 20.19 6.79 5.36
C MET A 48 18.96 7.61 5.76
N GLU A 49 18.03 7.79 4.87
CA GLU A 49 16.80 8.58 5.20
C GLU A 49 15.60 8.07 4.40
N MET A 50 14.47 8.69 4.57
CA MET A 50 13.25 8.26 3.83
C MET A 50 12.96 6.77 4.07
N THR A 51 13.34 5.89 3.17
CA THR A 51 13.08 4.44 3.37
C THR A 51 11.62 4.22 3.81
N GLN A 52 10.67 4.67 3.02
CA GLN A 52 9.24 4.50 3.41
C GLN A 52 8.90 3.01 3.57
N GLU A 53 9.44 2.17 2.73
CA GLU A 53 9.18 0.69 2.81
C GLU A 53 7.70 0.35 2.56
N LYS A 54 6.79 0.93 3.31
CA LYS A 54 5.35 0.60 3.10
C LYS A 54 4.96 0.77 1.64
N MET A 55 5.40 1.82 1.00
CA MET A 55 5.04 2.00 -0.44
C MET A 55 5.67 0.90 -1.28
N LYS A 56 6.88 0.54 -0.99
CA LYS A 56 7.56 -0.53 -1.76
C LYS A 56 6.80 -1.84 -1.58
N LYS A 57 6.36 -2.12 -0.38
CA LYS A 57 5.61 -3.36 -0.12
C LYS A 57 4.11 -3.17 -0.42
N PHE A 58 3.71 -1.97 -0.76
CA PHE A 58 2.28 -1.73 -1.08
C PHE A 58 1.91 -2.40 -2.40
N ARG A 59 2.55 -2.01 -3.47
CA ARG A 59 2.24 -2.59 -4.81
C ARG A 59 2.43 -4.12 -4.79
N VAL A 60 3.42 -4.61 -4.08
CA VAL A 60 3.66 -6.09 -4.06
C VAL A 60 2.42 -6.84 -3.56
N ILE A 61 1.90 -6.47 -2.42
CA ILE A 61 0.69 -7.16 -1.90
C ILE A 61 -0.48 -6.89 -2.84
N MET A 62 -0.68 -5.64 -3.15
CA MET A 62 -1.81 -5.28 -4.06
C MET A 62 -1.75 -6.10 -5.34
N ASP A 63 -0.58 -6.26 -5.91
CA ASP A 63 -0.48 -7.07 -7.15
C ASP A 63 -0.66 -8.55 -6.79
N SER A 64 -0.14 -8.97 -5.65
CA SER A 64 -0.31 -10.39 -5.24
C SER A 64 -1.80 -10.70 -5.11
N MET A 65 -2.47 -10.06 -4.17
CA MET A 65 -3.92 -10.30 -3.94
C MET A 65 -4.71 -10.60 -5.21
N THR A 66 -5.89 -11.09 -5.04
CA THR A 66 -6.74 -11.42 -6.20
C THR A 66 -7.61 -10.23 -6.57
N GLU A 67 -7.63 -9.86 -7.81
CA GLU A 67 -8.48 -8.71 -8.24
C GLU A 67 -9.89 -8.90 -7.68
N GLU A 68 -10.39 -10.11 -7.76
CA GLU A 68 -11.75 -10.41 -7.23
C GLU A 68 -11.86 -9.99 -5.76
N GLU A 69 -10.78 -10.24 -5.05
CA GLU A 69 -10.73 -9.90 -3.60
C GLU A 69 -10.92 -8.39 -3.41
N LEU A 70 -10.18 -7.61 -4.14
CA LEU A 70 -10.33 -6.14 -4.01
C LEU A 70 -11.78 -5.73 -4.24
N LEU A 71 -12.45 -6.43 -5.10
CA LEU A 71 -13.87 -6.08 -5.41
C LEU A 71 -14.82 -6.39 -4.23
N ASN A 72 -14.62 -7.49 -3.54
CA ASN A 72 -15.57 -7.81 -2.41
C ASN A 72 -14.94 -8.80 -1.40
N PRO A 73 -15.55 -8.88 -0.23
CA PRO A 73 -15.06 -9.77 0.86
C PRO A 73 -15.59 -11.19 0.72
N LYS A 74 -16.44 -11.47 -0.24
CA LYS A 74 -16.90 -12.87 -0.42
C LYS A 74 -15.66 -13.71 -0.82
N ILE A 75 -14.66 -13.03 -1.31
CA ILE A 75 -13.39 -13.65 -1.75
C ILE A 75 -12.58 -14.23 -0.58
N ILE A 76 -13.01 -13.94 0.64
CA ILE A 76 -12.32 -14.41 1.90
C ILE A 76 -11.20 -13.46 2.30
N ASP A 77 -10.73 -13.55 3.52
CA ASP A 77 -9.67 -12.64 3.98
C ASP A 77 -8.45 -13.38 4.52
N SER A 78 -8.54 -13.95 5.69
CA SER A 78 -7.35 -14.62 6.31
C SER A 78 -6.67 -15.64 5.39
N SER A 79 -7.36 -16.62 4.89
CA SER A 79 -6.68 -17.62 4.02
C SER A 79 -6.04 -16.90 2.83
N ARG A 80 -6.80 -16.10 2.16
CA ARG A 80 -6.28 -15.34 0.99
C ARG A 80 -5.18 -14.35 1.41
N ILE A 81 -5.38 -13.68 2.50
CA ILE A 81 -4.39 -12.66 2.98
C ILE A 81 -3.16 -13.32 3.62
N ARG A 82 -3.36 -14.25 4.53
CA ARG A 82 -2.17 -14.91 5.16
C ARG A 82 -1.28 -15.43 4.05
N ARG A 83 -1.85 -16.23 3.20
CA ARG A 83 -1.08 -16.77 2.06
C ARG A 83 -0.50 -15.60 1.26
N ILE A 84 -1.21 -14.52 1.14
CA ILE A 84 -0.70 -13.39 0.31
C ILE A 84 0.64 -12.91 0.85
N ALA A 85 0.73 -12.59 2.11
CA ALA A 85 2.04 -12.15 2.68
C ALA A 85 3.09 -13.17 2.34
N ILE A 86 2.72 -14.41 2.26
CA ILE A 86 3.71 -15.44 1.90
C ILE A 86 4.08 -15.28 0.42
N GLY A 87 3.10 -15.00 -0.42
CA GLY A 87 3.35 -14.81 -1.88
C GLY A 87 3.39 -13.31 -2.21
N SER A 88 3.68 -12.51 -1.24
CA SER A 88 3.77 -11.04 -1.45
C SER A 88 4.80 -10.44 -0.50
N GLY A 89 4.92 -10.99 0.67
CA GLY A 89 5.89 -10.47 1.66
C GLY A 89 5.12 -9.97 2.87
N THR A 90 5.60 -8.94 3.49
CA THR A 90 4.90 -8.36 4.67
C THR A 90 4.41 -9.46 5.64
N SER A 91 3.12 -9.58 5.82
CA SER A 91 2.56 -10.62 6.73
C SER A 91 1.05 -10.46 6.76
N PRO A 92 0.40 -11.38 7.39
CA PRO A 92 -1.07 -11.30 7.51
C PRO A 92 -1.43 -10.04 8.30
N GLN A 93 -0.71 -9.79 9.36
CA GLN A 93 -0.97 -8.56 10.16
C GLN A 93 -0.91 -7.30 9.30
N GLU A 94 0.14 -7.18 8.54
CA GLU A 94 0.32 -5.97 7.69
C GLU A 94 -0.75 -5.93 6.60
N VAL A 95 -1.30 -7.05 6.26
CA VAL A 95 -2.37 -7.05 5.24
C VAL A 95 -3.67 -6.69 5.93
N LYS A 96 -3.90 -7.22 7.10
CA LYS A 96 -5.16 -6.89 7.83
C LYS A 96 -5.14 -5.41 8.19
N GLU A 97 -4.01 -4.90 8.60
CA GLU A 97 -3.96 -3.46 8.96
C GLU A 97 -4.19 -2.63 7.70
N LEU A 98 -3.68 -3.01 6.56
CA LEU A 98 -3.93 -2.20 5.34
C LEU A 98 -5.44 -2.06 5.09
N LEU A 99 -6.21 -3.07 5.45
CA LEU A 99 -7.68 -2.93 5.26
C LEU A 99 -8.18 -1.87 6.23
N ASN A 100 -7.63 -1.90 7.42
CA ASN A 100 -8.00 -0.93 8.48
C ASN A 100 -7.95 0.50 7.94
N TYR A 101 -6.98 0.79 7.11
CA TYR A 101 -6.90 2.16 6.56
C TYR A 101 -8.08 2.40 5.64
N TYR A 102 -8.33 1.53 4.68
CA TYR A 102 -9.50 1.78 3.80
C TYR A 102 -10.77 1.88 4.66
N LYS A 103 -10.83 1.28 5.84
CA LYS A 103 -12.09 1.49 6.62
C LYS A 103 -12.21 3.01 6.79
N THR A 104 -11.09 3.66 7.03
CA THR A 104 -11.09 5.16 7.11
C THR A 104 -11.79 5.69 5.85
N MET A 105 -11.62 5.08 4.69
CA MET A 105 -12.38 5.55 3.46
C MET A 105 -13.81 5.89 3.85
N LYS A 106 -14.38 5.00 4.60
CA LYS A 106 -15.74 5.22 5.20
C LYS A 106 -15.76 6.53 5.95
N ASN A 107 -14.90 6.69 6.90
CA ASN A 107 -14.90 7.95 7.70
C ASN A 107 -14.66 9.14 6.80
N LEU A 108 -13.80 9.03 5.82
CA LEU A 108 -13.56 10.19 4.94
C LEU A 108 -14.71 10.38 3.96
N MET A 109 -15.33 9.33 3.52
CA MET A 109 -16.44 9.52 2.56
C MET A 109 -17.70 9.93 3.33
N LYS A 110 -17.79 9.68 4.61
CA LYS A 110 -18.99 10.18 5.35
C LYS A 110 -19.06 11.70 5.15
N LYS A 111 -17.92 12.35 5.23
CA LYS A 111 -17.88 13.84 5.03
C LYS A 111 -17.95 14.16 3.53
N MET A 112 -17.55 13.23 2.70
CA MET A 112 -17.58 13.47 1.23
C MET A 112 -19.03 13.75 0.79
N LYS A 113 -19.97 13.03 1.33
CA LYS A 113 -21.39 13.26 0.94
C LYS A 113 -21.99 14.38 1.80
N LYS A 114 -22.97 15.08 1.29
CA LYS A 114 -23.57 16.18 2.08
C LYS A 114 -25.10 16.05 2.12
N ASN A 115 -25.68 16.14 3.29
CA ASN A 115 -27.17 16.03 3.40
C ASN A 115 -27.75 17.30 4.03
N LYS A 116 -26.93 18.20 4.49
CA LYS A 116 -27.45 19.45 5.12
C LYS A 116 -26.59 20.64 4.69
N LEU A 117 -27.08 21.84 4.87
CA LEU A 117 -26.29 23.05 4.48
C LEU A 117 -26.81 24.28 5.21
N PRO A 118 -26.17 25.40 4.99
CA PRO A 118 -26.59 26.66 5.68
C PRO A 118 -28.00 27.08 5.25
N ILE A 119 -28.30 27.00 3.96
CA ILE A 119 -29.65 27.40 3.46
C ILE A 119 -30.18 28.65 4.17
#